data_8QHP
#
_entry.id   8QHP
#
_cell.length_a   1.00
_cell.length_b   1.00
_cell.length_c   1.00
_cell.angle_alpha   90.00
_cell.angle_beta   90.00
_cell.angle_gamma   90.00
#
_symmetry.space_group_name_H-M   'P 1'
#
loop_
_entity.id
_entity.type
_entity.pdbx_description
1 polymer 'Cysteine--tRNA ligase'
2 non-polymer 'ZINC ION'
#
_entity_poly.entity_id   1
_entity_poly.type   'polypeptide(L)'
_entity_poly.pdbx_seq_one_letter_code
;MKHHHHHHGGSSGGLKVYNTLTKQKEEFKPLREGEVKMYVCGPTVYDYPHLGHARTYIAFDVIRRYLEHKGYTVLMVMNF
TDIDDKIIKRARETGEDPKELAERFIKIFLEDMEALKVKPADIYPRVTDHIDDIIEFIGKLKEKGYAYEGSDGIYFEVKK
FPEYGKLSGVKIEDLQKGARVEPGEGKKNPEDFALWKKAKPGEPKWDSPWGEGRPGWHIECSVMSSKYLGESFDIHGGGN
DLIFPHHENEIAQSEACFGHEWVKYWLHTGFVMVKGEKMSKSLGNFVTIRELLKRYEPEVIRFFVLQKHYRSPLEYTEEG
LQHAKNNLQRLYNTLENIRVALRNAEISYTWGELEFKTYEIIREGKRKFYEAMDDDFNTAEALKAVFEVANAINKYLTEA
NKPKESILRKALEFFKIVSEVFGVFEDYFREETKEREESEKLIELLVEVRKQLRKEKRYELADMIREELKKLGIQLEDRG
SETTWKRIIT
;
_entity_poly.pdbx_strand_id   A,B
#
loop_
_chem_comp.id
_chem_comp.type
_chem_comp.name
_chem_comp.formula
ZN non-polymer 'ZINC ION' 'Zn 2'
#
# COMPACT_ATOMS: atom_id res chain seq x y z
N GLY A 13 9.95 5.00 -14.43
CA GLY A 13 8.71 4.91 -13.70
C GLY A 13 8.90 4.69 -12.21
N GLY A 14 10.12 4.35 -11.83
CA GLY A 14 10.43 4.12 -10.42
C GLY A 14 10.59 5.41 -9.65
N LEU A 15 10.72 5.25 -8.33
CA LEU A 15 10.87 6.41 -7.45
C LEU A 15 12.25 7.03 -7.64
N LYS A 16 12.27 8.33 -7.92
CA LYS A 16 13.50 9.09 -8.05
C LYS A 16 13.56 10.14 -6.94
N VAL A 17 14.75 10.38 -6.42
CA VAL A 17 14.96 11.36 -5.37
C VAL A 17 16.06 12.31 -5.80
N TYR A 18 15.98 13.56 -5.34
CA TYR A 18 16.97 14.57 -5.65
C TYR A 18 18.10 14.46 -4.64
N ASN A 19 19.27 14.04 -5.12
CA ASN A 19 20.46 13.94 -4.29
C ASN A 19 21.21 15.26 -4.32
N THR A 20 21.38 15.86 -3.14
CA THR A 20 22.16 17.09 -3.02
C THR A 20 23.64 16.84 -3.23
N LEU A 21 24.12 15.63 -2.91
CA LEU A 21 25.52 15.30 -3.12
C LEU A 21 25.89 15.40 -4.60
N THR A 22 25.04 14.90 -5.47
CA THR A 22 25.23 15.03 -6.91
C THR A 22 24.35 16.11 -7.51
N LYS A 23 23.49 16.73 -6.72
CA LYS A 23 22.64 17.84 -7.17
C LYS A 23 21.78 17.42 -8.37
N GLN A 24 21.26 16.20 -8.33
CA GLN A 24 20.51 15.70 -9.48
C GLN A 24 19.56 14.60 -9.02
N LYS A 25 18.59 14.29 -9.87
CA LYS A 25 17.60 13.27 -9.56
C LYS A 25 18.14 11.89 -9.96
N GLU A 26 18.15 10.98 -8.99
CA GLU A 26 18.64 9.62 -9.18
C GLU A 26 17.57 8.62 -8.78
N GLU A 27 17.58 7.47 -9.45
CA GLU A 27 16.65 6.40 -9.10
C GLU A 27 16.99 5.87 -7.70
N PHE A 28 15.96 5.71 -6.88
CA PHE A 28 16.16 5.33 -5.48
C PHE A 28 16.39 3.83 -5.39
N LYS A 29 17.60 3.44 -5.02
CA LYS A 29 17.95 2.04 -4.79
C LYS A 29 18.54 1.89 -3.39
N PRO A 30 17.83 1.26 -2.46
CA PRO A 30 18.36 1.13 -1.10
C PRO A 30 19.51 0.12 -1.04
N LEU A 31 20.31 0.26 0.02
CA LEU A 31 21.46 -0.63 0.19
C LEU A 31 21.03 -2.07 0.39
N ARG A 32 19.99 -2.30 1.18
CA ARG A 32 19.45 -3.63 1.42
C ARG A 32 18.01 -3.65 0.95
N GLU A 33 17.66 -4.69 0.19
CA GLU A 33 16.36 -4.73 -0.48
C GLU A 33 15.24 -4.77 0.55
N GLY A 34 14.24 -3.92 0.36
CA GLY A 34 13.09 -3.87 1.23
C GLY A 34 13.28 -3.07 2.49
N GLU A 35 14.45 -2.48 2.71
CA GLU A 35 14.74 -1.72 3.92
C GLU A 35 15.31 -0.35 3.55
N VAL A 36 14.79 0.69 4.19
CA VAL A 36 15.31 2.04 4.05
C VAL A 36 15.69 2.52 5.45
N LYS A 37 16.98 2.76 5.65
CA LYS A 37 17.49 3.29 6.93
C LYS A 37 17.66 4.80 6.76
N MET A 38 16.73 5.55 7.34
CA MET A 38 16.70 7.00 7.18
C MET A 38 17.07 7.66 8.50
N TYR A 39 17.97 8.64 8.42
CA TYR A 39 18.42 9.40 9.58
C TYR A 39 18.10 10.87 9.35
N VAL A 40 17.47 11.51 10.32
CA VAL A 40 17.17 12.94 10.23
C VAL A 40 17.77 13.63 11.44
N CYS A 41 18.25 14.85 11.22
CA CYS A 41 18.82 15.64 12.31
C CYS A 41 17.70 16.23 13.15
N GLY A 42 17.68 15.90 14.43
CA GLY A 42 16.65 16.39 15.31
C GLY A 42 16.89 17.81 15.73
N PRO A 43 15.92 18.37 16.44
CA PRO A 43 16.01 19.77 16.87
C PRO A 43 16.90 19.91 18.11
N THR A 44 17.32 21.15 18.35
CA THR A 44 18.01 21.48 19.59
C THR A 44 16.98 22.01 20.58
N VAL A 45 16.88 21.33 21.72
CA VAL A 45 15.76 21.53 22.64
C VAL A 45 16.16 22.62 23.63
N TYR A 46 15.95 23.87 23.23
CA TYR A 46 16.09 25.00 24.13
C TYR A 46 14.90 25.95 24.12
N ASP A 47 14.08 25.95 23.06
CA ASP A 47 12.88 26.76 23.01
C ASP A 47 11.81 25.98 22.26
N TYR A 48 10.62 26.56 22.19
CA TYR A 48 9.49 25.88 21.56
C TYR A 48 9.74 25.70 20.05
N PRO A 49 9.28 24.61 19.46
CA PRO A 49 9.44 24.43 18.02
C PRO A 49 8.67 25.48 17.24
N HIS A 50 9.24 25.87 16.11
CA HIS A 50 8.63 26.85 15.22
C HIS A 50 8.20 26.18 13.91
N LEU A 51 7.76 26.99 12.96
CA LEU A 51 7.20 26.45 11.73
C LEU A 51 8.26 25.81 10.85
N GLY A 52 9.53 26.18 10.98
CA GLY A 52 10.57 25.52 10.22
C GLY A 52 10.73 24.06 10.60
N HIS A 53 10.73 23.78 11.91
CA HIS A 53 10.78 22.40 12.37
C HIS A 53 9.56 21.63 11.91
N ALA A 54 8.38 22.25 11.99
CA ALA A 54 7.16 21.60 11.52
C ALA A 54 7.25 21.26 10.04
N ARG A 55 7.73 22.21 9.23
CA ARG A 55 7.85 21.97 7.80
C ARG A 55 8.80 20.82 7.51
N THR A 56 9.99 20.87 8.09
CA THR A 56 10.99 19.83 7.84
C THR A 56 10.49 18.47 8.27
N TYR A 57 9.93 18.37 9.48
CA TYR A 57 9.56 17.07 10.00
C TYR A 57 8.28 16.53 9.36
N ILE A 58 7.36 17.41 8.95
CA ILE A 58 6.20 16.94 8.21
C ILE A 58 6.62 16.44 6.82
N ALA A 59 7.56 17.15 6.19
CA ALA A 59 8.05 16.68 4.88
C ALA A 59 8.72 15.31 5.01
N PHE A 60 9.55 15.13 6.05
CA PHE A 60 10.22 13.84 6.20
C PHE A 60 9.26 12.76 6.68
N ASP A 61 8.23 13.12 7.44
CA ASP A 61 7.21 12.15 7.82
C ASP A 61 6.44 11.68 6.59
N VAL A 62 6.15 12.59 5.66
CA VAL A 62 5.48 12.20 4.42
C VAL A 62 6.38 11.33 3.57
N ILE A 63 7.68 11.64 3.54
CA ILE A 63 8.63 10.78 2.84
C ILE A 63 8.65 9.38 3.45
N ARG A 64 8.66 9.30 4.78
CA ARG A 64 8.64 8.00 5.45
C ARG A 64 7.34 7.26 5.14
N ARG A 65 6.21 7.94 5.20
CA ARG A 65 4.93 7.30 4.93
C ARG A 65 4.87 6.77 3.51
N TYR A 66 5.38 7.54 2.55
CA TYR A 66 5.35 7.08 1.17
C TYR A 66 6.30 5.91 0.96
N LEU A 67 7.46 5.94 1.60
CA LEU A 67 8.38 4.81 1.48
C LEU A 67 7.78 3.54 2.07
N GLU A 68 7.09 3.67 3.20
CA GLU A 68 6.41 2.50 3.76
C GLU A 68 5.23 2.07 2.91
N HIS A 69 4.59 3.03 2.22
CA HIS A 69 3.46 2.68 1.37
C HIS A 69 3.89 1.88 0.16
N LYS A 70 5.14 2.04 -0.29
CA LYS A 70 5.64 1.30 -1.44
C LYS A 70 6.19 -0.06 -1.07
N GLY A 71 6.12 -0.46 0.19
CA GLY A 71 6.57 -1.77 0.62
C GLY A 71 7.89 -1.80 1.35
N TYR A 72 8.55 -0.66 1.52
CA TYR A 72 9.81 -0.63 2.25
C TYR A 72 9.55 -0.66 3.76
N THR A 73 10.49 -1.26 4.48
CA THR A 73 10.53 -1.18 5.93
C THR A 73 11.50 -0.06 6.29
N VAL A 74 10.99 1.00 6.91
CA VAL A 74 11.75 2.21 7.14
C VAL A 74 12.16 2.27 8.60
N LEU A 75 13.47 2.28 8.86
CA LEU A 75 14.02 2.51 10.18
C LEU A 75 14.48 3.96 10.24
N MET A 76 13.70 4.80 10.92
CA MET A 76 13.97 6.22 10.98
C MET A 76 14.56 6.59 12.35
N VAL A 77 15.72 7.24 12.33
CA VAL A 77 16.45 7.61 13.52
C VAL A 77 16.56 9.13 13.55
N MET A 78 16.09 9.74 14.64
CA MET A 78 16.17 11.18 14.84
C MET A 78 16.89 11.45 16.15
N ASN A 79 18.04 12.12 16.07
CA ASN A 79 18.79 12.42 17.27
C ASN A 79 18.09 13.49 18.11
N PHE A 80 18.46 13.54 19.38
CA PHE A 80 17.91 14.52 20.33
C PHE A 80 19.09 15.19 21.02
N THR A 81 19.59 16.26 20.42
CA THR A 81 20.71 16.99 21.02
C THR A 81 20.24 17.69 22.28
N ASP A 82 20.59 17.15 23.43
CA ASP A 82 20.15 17.67 24.72
C ASP A 82 21.25 18.43 25.45
N ILE A 83 22.43 18.56 24.86
CA ILE A 83 23.48 19.42 25.40
C ILE A 83 24.09 20.24 24.27
N ASP A 84 24.19 21.55 24.47
CA ASP A 84 24.76 22.47 23.50
C ASP A 84 25.01 23.80 24.20
N ASP A 85 25.83 24.64 23.56
CA ASP A 85 26.13 25.95 24.13
C ASP A 85 24.87 26.81 24.23
N LYS A 86 24.00 26.74 23.22
CA LYS A 86 22.74 27.49 23.27
C LYS A 86 21.88 27.01 24.42
N ILE A 87 21.85 25.70 24.68
CA ILE A 87 21.05 25.17 25.78
C ILE A 87 21.59 25.67 27.11
N ILE A 88 22.91 25.67 27.28
CA ILE A 88 23.50 26.17 28.52
C ILE A 88 23.22 27.66 28.68
N LYS A 89 23.27 28.41 27.58
CA LYS A 89 22.96 29.83 27.63
C LYS A 89 21.52 30.07 28.05
N ARG A 90 20.59 29.30 27.49
CA ARG A 90 19.19 29.43 27.87
C ARG A 90 18.97 29.07 29.33
N ALA A 91 19.64 28.01 29.80
CA ALA A 91 19.51 27.62 31.21
C ALA A 91 20.06 28.70 32.13
N ARG A 92 21.19 29.32 31.75
CA ARG A 92 21.74 30.41 32.53
C ARG A 92 20.81 31.61 32.54
N GLU A 93 20.18 31.91 31.40
CA GLU A 93 19.21 33.01 31.35
C GLU A 93 18.02 32.73 32.25
N THR A 94 17.52 31.50 32.24
CA THR A 94 16.37 31.13 33.04
C THR A 94 16.75 30.62 34.43
N GLY A 95 18.04 30.48 34.73
CA GLY A 95 18.45 29.99 36.04
C GLY A 95 18.13 28.54 36.29
N GLU A 96 18.04 27.72 35.24
CA GLU A 96 17.68 26.32 35.34
C GLU A 96 18.92 25.47 35.07
N ASP A 97 18.74 24.15 35.08
CA ASP A 97 19.81 23.19 34.82
C ASP A 97 19.82 22.82 33.33
N PRO A 98 20.99 22.73 32.69
CA PRO A 98 21.02 22.45 31.25
C PRO A 98 20.44 21.09 30.87
N LYS A 99 20.09 20.28 31.86
CA LYS A 99 19.46 18.99 31.61
C LYS A 99 17.95 19.01 31.85
N GLU A 100 17.49 19.67 32.90
CA GLU A 100 16.05 19.81 33.13
C GLU A 100 15.39 20.54 31.98
N LEU A 101 15.99 21.65 31.53
CA LEU A 101 15.47 22.38 30.39
C LEU A 101 15.42 21.50 29.15
N ALA A 102 16.49 20.72 28.92
CA ALA A 102 16.54 19.84 27.76
C ALA A 102 15.42 18.80 27.81
N GLU A 103 15.23 18.17 28.97
CA GLU A 103 14.16 17.19 29.10
C GLU A 103 12.79 17.84 28.87
N ARG A 104 12.57 19.02 29.44
CA ARG A 104 11.27 19.67 29.31
C ARG A 104 10.97 19.99 27.85
N PHE A 105 11.96 20.52 27.12
CA PHE A 105 11.70 20.86 25.73
C PHE A 105 11.70 19.64 24.82
N ILE A 106 12.38 18.56 25.20
CA ILE A 106 12.20 17.30 24.48
C ILE A 106 10.76 16.83 24.59
N LYS A 107 10.19 16.91 25.79
CA LYS A 107 8.79 16.53 25.97
C LYS A 107 7.88 17.46 25.18
N ILE A 108 8.15 18.77 25.19
CA ILE A 108 7.33 19.72 24.43
C ILE A 108 7.39 19.40 22.95
N PHE A 109 8.58 19.11 22.43
CA PHE A 109 8.73 18.79 21.01
C PHE A 109 8.00 17.51 20.66
N LEU A 110 8.09 16.50 21.52
CA LEU A 110 7.38 15.25 21.25
C LEU A 110 5.87 15.46 21.25
N GLU A 111 5.36 16.29 22.17
CA GLU A 111 3.94 16.60 22.17
C GLU A 111 3.54 17.34 20.90
N ASP A 112 4.37 18.27 20.44
CA ASP A 112 4.06 19.02 19.23
C ASP A 112 4.05 18.11 18.00
N MET A 113 5.02 17.20 17.92
CA MET A 113 5.03 16.26 16.79
C MET A 113 3.85 15.30 16.86
N GLU A 114 3.43 14.90 18.06
CA GLU A 114 2.25 14.07 18.20
C GLU A 114 1.01 14.81 17.75
N ALA A 115 0.91 16.10 18.08
CA ALA A 115 -0.25 16.89 17.66
C ALA A 115 -0.31 17.03 16.14
N LEU A 116 0.84 17.23 15.50
CA LEU A 116 0.90 17.38 14.05
C LEU A 116 0.80 16.04 13.31
N LYS A 117 0.43 14.97 14.01
CA LYS A 117 0.23 13.65 13.42
C LYS A 117 1.50 13.14 12.72
N VAL A 118 2.66 13.55 13.21
CA VAL A 118 3.93 13.06 12.70
C VAL A 118 4.25 11.75 13.39
N LYS A 119 4.54 10.72 12.60
CA LYS A 119 4.87 9.42 13.16
C LYS A 119 6.18 9.52 13.95
N PRO A 120 6.22 9.05 15.19
CA PRO A 120 7.45 9.15 15.98
C PRO A 120 8.57 8.32 15.38
N ALA A 121 9.80 8.82 15.54
CA ALA A 121 10.95 8.09 15.04
C ALA A 121 11.15 6.80 15.82
N ASP A 122 11.76 5.83 15.15
CA ASP A 122 11.97 4.53 15.78
C ASP A 122 12.96 4.62 16.95
N ILE A 123 14.02 5.39 16.78
CA ILE A 123 15.02 5.58 17.83
C ILE A 123 15.25 7.07 18.02
N TYR A 124 15.40 7.49 19.28
CA TYR A 124 15.69 8.88 19.63
C TYR A 124 16.95 8.90 20.47
N PRO A 125 18.12 8.76 19.85
CA PRO A 125 19.37 8.79 20.63
C PRO A 125 19.63 10.17 21.19
N ARG A 126 20.15 10.21 22.41
CA ARG A 126 20.49 11.44 23.11
C ARG A 126 22.00 11.54 23.31
N VAL A 127 22.50 12.77 23.30
CA VAL A 127 23.94 12.99 23.41
C VAL A 127 24.45 12.55 24.78
N THR A 128 23.71 12.89 25.84
CA THR A 128 24.16 12.55 27.19
C THR A 128 24.23 11.04 27.43
N ASP A 129 23.53 10.24 26.63
CA ASP A 129 23.56 8.80 26.76
C ASP A 129 24.58 8.14 25.83
N HIS A 130 25.31 8.91 25.04
CA HIS A 130 26.25 8.36 24.07
C HIS A 130 27.60 9.05 24.14
N ILE A 131 27.98 9.52 25.33
CA ILE A 131 29.26 10.23 25.47
C ILE A 131 30.43 9.29 25.20
N ASP A 132 30.36 8.05 25.71
CA ASP A 132 31.46 7.12 25.54
C ASP A 132 31.67 6.75 24.08
N ASP A 133 30.57 6.57 23.33
CA ASP A 133 30.70 6.28 21.91
C ASP A 133 31.35 7.43 21.17
N ILE A 134 31.00 8.67 21.54
CA ILE A 134 31.63 9.84 20.94
C ILE A 134 33.12 9.88 21.26
N ILE A 135 33.47 9.57 22.51
CA ILE A 135 34.88 9.56 22.90
C ILE A 135 35.65 8.51 22.11
N GLU A 136 35.08 7.31 21.96
CA GLU A 136 35.73 6.28 21.17
C GLU A 136 35.86 6.71 19.71
N PHE A 137 34.84 7.38 19.18
CA PHE A 137 34.91 7.84 17.79
C PHE A 137 36.02 8.85 17.61
N ILE A 138 36.14 9.80 18.54
CA ILE A 138 37.20 10.79 18.45
C ILE A 138 38.57 10.14 18.61
N GLY A 139 38.68 9.14 19.48
CA GLY A 139 39.94 8.43 19.61
C GLY A 139 40.33 7.71 18.34
N LYS A 140 39.36 7.08 17.69
CA LYS A 140 39.62 6.41 16.41
C LYS A 140 39.98 7.40 15.31
N LEU A 141 39.38 8.60 15.34
CA LEU A 141 39.78 9.64 14.40
C LEU A 141 41.21 10.10 14.66
N LYS A 142 41.58 10.23 15.94
CA LYS A 142 42.92 10.68 16.27
C LYS A 142 43.98 9.65 15.89
N GLU A 143 43.70 8.37 16.13
CA GLU A 143 44.68 7.34 15.79
C GLU A 143 44.88 7.21 14.29
N LYS A 144 43.92 7.63 13.49
CA LYS A 144 44.07 7.69 12.04
C LYS A 144 44.71 8.99 11.57
N GLY A 145 45.02 9.90 12.48
CA GLY A 145 45.69 11.14 12.14
C GLY A 145 44.79 12.27 11.70
N TYR A 146 43.47 12.11 11.79
CA TYR A 146 42.53 13.13 11.33
C TYR A 146 42.17 14.13 12.40
N ALA A 147 42.68 13.99 13.62
CA ALA A 147 42.38 14.90 14.72
C ALA A 147 43.66 15.31 15.43
N TYR A 148 43.64 16.49 16.03
CA TYR A 148 44.77 16.98 16.80
C TYR A 148 44.25 17.63 18.08
N GLU A 149 45.15 17.84 19.03
CA GLU A 149 44.80 18.42 20.32
C GLU A 149 45.22 19.89 20.34
N GLY A 150 44.27 20.78 20.63
CA GLY A 150 44.56 22.19 20.79
C GLY A 150 44.64 22.57 22.26
N SER A 151 44.75 23.89 22.49
CA SER A 151 44.83 24.38 23.86
C SER A 151 43.50 24.29 24.58
N ASP A 152 42.38 24.20 23.86
CA ASP A 152 41.05 24.15 24.47
C ASP A 152 40.24 22.95 24.02
N GLY A 153 40.84 21.96 23.38
CA GLY A 153 40.12 20.75 23.03
C GLY A 153 40.73 20.07 21.83
N ILE A 154 40.00 19.08 21.33
CA ILE A 154 40.39 18.28 20.18
C ILE A 154 39.66 18.80 18.95
N TYR A 155 40.42 19.06 17.89
CA TYR A 155 39.91 19.62 16.64
C TYR A 155 40.21 18.69 15.47
N PHE A 156 39.27 18.63 14.53
CA PHE A 156 39.44 17.89 13.29
C PHE A 156 40.13 18.78 12.26
N GLU A 157 41.09 18.21 11.55
CA GLU A 157 41.85 18.95 10.54
C GLU A 157 41.24 18.71 9.17
N VAL A 158 40.80 19.80 8.52
CA VAL A 158 40.04 19.68 7.28
C VAL A 158 40.93 19.21 6.13
N LYS A 159 42.16 19.74 6.04
CA LYS A 159 43.00 19.50 4.88
C LYS A 159 43.42 18.04 4.75
N LYS A 160 43.26 17.24 5.80
CA LYS A 160 43.58 15.83 5.71
C LYS A 160 42.46 15.02 5.06
N PHE A 161 41.32 15.64 4.79
CA PHE A 161 40.23 15.00 4.06
C PHE A 161 40.07 15.69 2.71
N PRO A 162 40.60 15.12 1.63
CA PRO A 162 40.58 15.83 0.34
C PRO A 162 39.20 16.09 -0.22
N GLU A 163 38.19 15.29 0.17
CA GLU A 163 36.85 15.40 -0.39
C GLU A 163 35.96 16.36 0.38
N TYR A 164 36.54 17.22 1.23
CA TYR A 164 35.76 18.23 1.93
C TYR A 164 35.20 19.23 0.93
N GLY A 165 33.92 19.54 1.05
CA GLY A 165 33.22 20.33 0.06
C GLY A 165 32.45 19.54 -0.95
N LYS A 166 32.24 18.24 -0.73
CA LYS A 166 31.54 17.41 -1.70
C LYS A 166 30.06 17.74 -1.74
N LEU A 167 29.45 17.99 -0.59
CA LEU A 167 28.01 18.22 -0.51
C LEU A 167 27.65 19.65 -0.89
N SER A 168 28.14 20.62 -0.10
CA SER A 168 27.77 22.02 -0.32
C SER A 168 28.48 22.63 -1.52
N GLY A 169 29.67 22.15 -1.86
CA GLY A 169 30.46 22.74 -2.91
C GLY A 169 31.31 23.91 -2.49
N VAL A 170 31.36 24.23 -1.20
CA VAL A 170 32.18 25.33 -0.70
C VAL A 170 33.64 24.91 -0.72
N LYS A 171 34.48 25.73 -1.36
CA LYS A 171 35.90 25.44 -1.45
C LYS A 171 36.60 25.78 -0.13
N ILE A 172 37.73 25.10 0.11
CA ILE A 172 38.49 25.35 1.33
C ILE A 172 39.08 26.75 1.29
N GLU A 173 39.53 27.22 0.12
CA GLU A 173 40.15 28.53 0.02
C GLU A 173 39.16 29.64 0.34
N ASP A 174 37.87 29.44 0.05
CA ASP A 174 36.87 30.46 0.38
C ASP A 174 36.68 30.58 1.90
N LEU A 175 36.81 29.47 2.63
CA LEU A 175 36.67 29.54 4.08
C LEU A 175 37.81 30.29 4.74
N GLN A 176 39.01 30.20 4.17
CA GLN A 176 40.17 30.90 4.72
C GLN A 176 40.07 32.41 4.52
N GLY A 186 42.70 27.84 20.40
CA GLY A 186 43.83 27.03 19.98
C GLY A 186 43.53 26.20 18.75
N LYS A 187 43.02 26.84 17.71
CA LYS A 187 42.69 26.18 16.45
C LYS A 187 43.76 26.50 15.41
N LYS A 188 44.23 25.47 14.72
CA LYS A 188 45.30 25.66 13.75
C LYS A 188 44.84 26.45 12.54
N ASN A 189 43.68 26.10 12.00
CA ASN A 189 43.20 26.72 10.77
C ASN A 189 41.78 27.23 10.97
N PRO A 190 41.42 28.32 10.30
CA PRO A 190 40.05 28.85 10.45
C PRO A 190 38.97 27.87 10.03
N GLU A 191 39.23 27.05 9.01
CA GLU A 191 38.23 26.10 8.53
C GLU A 191 38.10 24.87 9.41
N ASP A 192 39.04 24.64 10.32
CA ASP A 192 38.91 23.51 11.23
C ASP A 192 37.76 23.74 12.21
N PHE A 193 37.32 22.65 12.84
CA PHE A 193 36.18 22.69 13.73
C PHE A 193 36.45 21.84 14.95
N ALA A 194 35.73 22.14 16.03
CA ALA A 194 35.94 21.46 17.30
C ALA A 194 35.21 20.12 17.33
N LEU A 195 35.95 19.07 17.67
CA LEU A 195 35.37 17.76 17.94
C LEU A 195 35.10 17.55 19.43
N TRP A 196 35.93 18.12 20.29
CA TRP A 196 35.72 18.04 21.73
C TRP A 196 36.19 19.35 22.35
N LYS A 197 35.32 20.01 23.10
CA LYS A 197 35.61 21.32 23.66
C LYS A 197 35.81 21.18 25.17
N LYS A 198 36.96 21.65 25.66
CA LYS A 198 37.23 21.58 27.09
C LYS A 198 36.25 22.46 27.85
N ALA A 199 35.87 21.99 29.04
CA ALA A 199 34.75 22.58 29.77
C ALA A 199 35.10 23.93 30.36
N LYS A 200 34.16 24.87 30.21
CA LYS A 200 34.22 26.12 30.96
C LYS A 200 33.69 25.88 32.38
N PRO A 201 34.12 26.69 33.35
CA PRO A 201 33.56 26.56 34.69
C PRO A 201 32.05 26.82 34.69
N GLY A 202 31.33 26.01 35.47
CA GLY A 202 29.91 26.18 35.66
C GLY A 202 29.02 25.46 34.66
N GLU A 203 29.59 24.84 33.63
CA GLU A 203 28.81 24.14 32.62
C GLU A 203 28.95 22.64 32.77
N PRO A 204 27.99 21.87 32.25
CA PRO A 204 28.09 20.40 32.33
C PRO A 204 29.32 19.89 31.58
N LYS A 205 29.85 18.77 32.07
CA LYS A 205 31.08 18.22 31.52
C LYS A 205 31.13 16.72 31.83
N TRP A 206 31.98 16.02 31.09
CA TRP A 206 32.17 14.59 31.26
C TRP A 206 33.64 14.25 31.18
N ASP A 207 34.02 13.16 31.85
CA ASP A 207 35.40 12.71 31.83
C ASP A 207 35.81 12.27 30.43
N SER A 208 37.05 12.54 30.07
CA SER A 208 37.58 12.17 28.77
C SER A 208 39.09 12.05 28.87
N PRO A 209 39.72 11.20 28.05
CA PRO A 209 41.18 11.10 28.09
C PRO A 209 41.90 12.39 27.71
N TRP A 210 41.22 13.31 27.03
CA TRP A 210 41.83 14.56 26.59
C TRP A 210 41.39 15.75 27.43
N GLY A 211 40.81 15.50 28.59
CA GLY A 211 40.34 16.54 29.48
C GLY A 211 38.83 16.55 29.58
N GLU A 212 38.34 17.14 30.67
CA GLU A 212 36.90 17.19 30.93
C GLU A 212 36.26 18.26 30.06
N GLY A 213 35.23 17.87 29.33
CA GLY A 213 34.59 18.80 28.42
C GLY A 213 33.31 18.23 27.84
N ARG A 214 32.94 18.76 26.69
CA ARG A 214 31.71 18.42 26.00
C ARG A 214 32.03 18.03 24.56
N PRO A 215 31.15 17.26 23.92
CA PRO A 215 31.34 16.96 22.49
C PRO A 215 31.08 18.17 21.63
N GLY A 216 31.49 18.07 20.37
CA GLY A 216 31.23 19.11 19.41
C GLY A 216 29.81 19.09 18.90
N TRP A 217 29.51 20.00 17.99
CA TRP A 217 28.15 20.12 17.46
C TRP A 217 27.93 19.28 16.21
N HIS A 218 28.93 18.54 15.75
CA HIS A 218 28.81 17.76 14.53
C HIS A 218 29.13 16.29 14.71
N ILE A 219 29.89 15.93 15.74
CA ILE A 219 30.28 14.53 15.94
C ILE A 219 29.10 13.70 16.40
N GLU A 220 28.12 14.31 17.08
CA GLU A 220 27.04 13.56 17.71
C GLU A 220 26.20 12.82 16.68
N CYS A 221 25.78 13.52 15.63
CA CYS A 221 24.89 12.91 14.65
C CYS A 221 25.58 11.77 13.91
N SER A 222 26.86 11.97 13.55
CA SER A 222 27.60 10.89 12.89
C SER A 222 27.76 9.69 13.80
N VAL A 223 28.07 9.92 15.07
CA VAL A 223 28.25 8.81 16.01
C VAL A 223 26.95 8.03 16.15
N MET A 224 25.83 8.73 16.34
CA MET A 224 24.57 8.04 16.55
C MET A 224 24.11 7.31 15.29
N SER A 225 24.29 7.94 14.12
CA SER A 225 23.91 7.29 12.88
C SER A 225 24.74 6.03 12.63
N SER A 226 26.05 6.10 12.86
CA SER A 226 26.88 4.92 12.67
C SER A 226 26.61 3.86 13.72
N LYS A 227 26.15 4.26 14.91
CA LYS A 227 25.86 3.30 15.96
C LYS A 227 24.56 2.53 15.69
N TYR A 228 23.51 3.24 15.24
CA TYR A 228 22.21 2.62 15.13
C TYR A 228 21.83 2.19 13.72
N LEU A 229 22.52 2.69 12.69
CA LEU A 229 22.21 2.32 11.32
C LEU A 229 23.37 1.62 10.61
N GLY A 230 24.50 1.44 11.28
CA GLY A 230 25.66 0.85 10.65
C GLY A 230 26.56 1.89 10.02
N GLU A 231 27.66 1.41 9.44
CA GLU A 231 28.64 2.29 8.83
C GLU A 231 28.14 2.93 7.55
N SER A 232 27.02 2.46 7.00
CA SER A 232 26.45 3.06 5.79
C SER A 232 24.95 2.84 5.81
N PHE A 233 24.19 3.89 5.50
CA PHE A 233 22.73 3.80 5.40
C PHE A 233 22.28 4.61 4.20
N ASP A 234 20.95 4.71 4.05
CA ASP A 234 20.36 5.20 2.80
C ASP A 234 20.18 6.71 2.77
N ILE A 235 19.38 7.24 3.69
CA ILE A 235 18.91 8.62 3.61
C ILE A 235 19.36 9.38 4.85
N HIS A 236 20.01 10.51 4.64
CA HIS A 236 20.29 11.49 5.69
C HIS A 236 19.52 12.76 5.37
N GLY A 237 18.78 13.27 6.37
CA GLY A 237 17.91 14.40 6.14
C GLY A 237 18.16 15.52 7.13
N GLY A 238 17.61 16.68 6.80
CA GLY A 238 17.74 17.84 7.65
C GLY A 238 17.31 19.08 6.91
N GLY A 239 17.49 20.22 7.60
CA GLY A 239 17.18 21.50 6.99
C GLY A 239 18.22 21.91 5.96
N ASN A 240 17.84 22.91 5.16
CA ASN A 240 18.75 23.40 4.13
C ASN A 240 19.92 24.16 4.71
N ASP A 241 19.77 24.72 5.91
CA ASP A 241 20.90 25.39 6.56
C ASP A 241 21.95 24.39 7.01
N LEU A 242 21.56 23.14 7.24
CA LEU A 242 22.48 22.11 7.70
C LEU A 242 23.43 21.63 6.61
N ILE A 243 23.19 22.01 5.34
CA ILE A 243 24.08 21.59 4.26
C ILE A 243 25.51 21.98 4.57
N PHE A 244 25.71 23.23 5.00
CA PHE A 244 27.02 23.68 5.46
C PHE A 244 26.82 24.47 6.75
N PRO A 245 27.65 24.25 7.76
CA PRO A 245 28.76 23.27 7.84
C PRO A 245 28.33 21.92 8.40
N HIS A 246 27.09 21.78 8.88
CA HIS A 246 26.73 20.64 9.72
C HIS A 246 26.90 19.31 8.97
N HIS A 247 26.17 19.15 7.86
CA HIS A 247 26.20 17.87 7.17
C HIS A 247 27.50 17.63 6.43
N GLU A 248 28.16 18.70 5.96
CA GLU A 248 29.50 18.54 5.42
C GLU A 248 30.45 18.02 6.48
N ASN A 249 30.35 18.55 7.70
CA ASN A 249 31.15 18.03 8.81
C ASN A 249 30.82 16.56 9.08
N GLU A 250 29.54 16.21 9.03
CA GLU A 250 29.14 14.83 9.29
C GLU A 250 29.76 13.87 8.27
N ILE A 251 29.63 14.21 6.97
CA ILE A 251 30.15 13.32 5.94
C ILE A 251 31.67 13.28 6.00
N ALA A 252 32.32 14.40 6.31
CA ALA A 252 33.77 14.41 6.44
C ALA A 252 34.23 13.49 7.57
N GLN A 253 33.61 13.62 8.74
CA GLN A 253 33.97 12.77 9.86
C GLN A 253 33.74 11.30 9.56
N SER A 254 32.59 10.99 8.95
CA SER A 254 32.23 9.60 8.70
C SER A 254 33.18 8.97 7.68
N GLU A 255 33.48 9.66 6.59
CA GLU A 255 34.39 9.10 5.60
C GLU A 255 35.84 9.10 6.09
N ALA A 256 36.20 9.99 7.01
CA ALA A 256 37.52 9.91 7.62
C ALA A 256 37.63 8.68 8.53
N CYS A 257 36.56 8.37 9.26
CA CYS A 257 36.59 7.22 10.17
C CYS A 257 36.46 5.89 9.45
N PHE A 258 35.69 5.85 8.35
CA PHE A 258 35.38 4.59 7.68
C PHE A 258 36.12 4.39 6.37
N GLY A 259 36.43 5.46 5.64
CA GLY A 259 37.12 5.31 4.38
C GLY A 259 36.27 4.84 3.22
N HIS A 260 34.93 4.80 3.39
CA HIS A 260 34.03 4.42 2.32
C HIS A 260 32.83 5.35 2.35
N GLU A 261 31.90 5.14 1.41
CA GLU A 261 30.71 5.99 1.34
C GLU A 261 29.82 5.77 2.55
N TRP A 262 29.32 6.89 3.10
CA TRP A 262 28.55 6.86 4.33
C TRP A 262 27.04 6.97 4.10
N VAL A 263 26.60 7.98 3.37
CA VAL A 263 25.18 8.18 3.08
C VAL A 263 24.99 8.17 1.58
N LYS A 264 24.02 7.39 1.10
CA LYS A 264 23.80 7.26 -0.33
C LYS A 264 23.00 8.44 -0.88
N TYR A 265 21.96 8.87 -0.19
CA TYR A 265 21.10 9.95 -0.65
C TYR A 265 20.96 11.01 0.43
N TRP A 266 21.17 12.26 0.06
CA TRP A 266 21.04 13.40 0.95
C TRP A 266 19.80 14.19 0.57
N LEU A 267 18.90 14.38 1.53
CA LEU A 267 17.66 15.13 1.32
C LEU A 267 17.65 16.33 2.26
N HIS A 268 17.31 17.50 1.72
CA HIS A 268 17.23 18.72 2.51
C HIS A 268 15.96 19.46 2.17
N THR A 269 15.20 19.83 3.20
CA THR A 269 13.98 20.61 3.00
C THR A 269 14.32 22.08 2.83
N GLY A 270 13.50 22.77 2.04
CA GLY A 270 13.72 24.19 1.81
C GLY A 270 13.40 25.03 3.04
N PHE A 271 13.86 26.27 3.00
CA PHE A 271 13.64 27.19 4.11
C PHE A 271 12.19 27.64 4.17
N VAL A 272 11.75 28.03 5.36
CA VAL A 272 10.51 28.76 5.55
C VAL A 272 10.82 30.25 5.51
N MET A 273 10.04 30.99 4.72
CA MET A 273 10.29 32.41 4.51
C MET A 273 9.18 33.24 5.12
N VAL A 274 9.56 34.32 5.79
CA VAL A 274 8.64 35.29 6.36
C VAL A 274 8.96 36.65 5.76
N LYS A 275 8.02 37.19 4.98
CA LYS A 275 8.21 38.47 4.30
C LYS A 275 9.54 38.52 3.55
N GLY A 276 9.83 37.43 2.84
CA GLY A 276 11.00 37.38 1.99
C GLY A 276 12.31 37.10 2.68
N GLU A 277 12.31 36.87 3.98
CA GLU A 277 13.53 36.58 4.72
C GLU A 277 13.39 35.24 5.43
N LYS A 278 14.54 34.65 5.76
CA LYS A 278 14.57 33.32 6.34
C LYS A 278 13.94 33.31 7.74
N MET A 279 13.11 32.30 7.99
CA MET A 279 12.53 32.10 9.32
C MET A 279 13.58 31.51 10.25
N SER A 280 13.86 32.22 11.33
CA SER A 280 14.81 31.74 12.34
C SER A 280 14.58 32.50 13.63
N LYS A 281 15.11 31.95 14.72
CA LYS A 281 14.94 32.57 16.03
C LYS A 281 15.86 33.77 16.24
N SER A 282 16.89 33.93 15.42
CA SER A 282 17.82 35.04 15.61
C SER A 282 17.17 36.37 15.24
N LEU A 283 16.43 36.41 14.13
CA LEU A 283 15.74 37.63 13.73
C LEU A 283 14.44 37.83 14.48
N GLY A 284 13.97 36.83 15.23
CA GLY A 284 12.75 36.94 16.00
C GLY A 284 11.47 36.80 15.19
N ASN A 285 11.57 36.51 13.90
CA ASN A 285 10.40 36.30 13.05
C ASN A 285 10.01 34.83 13.00
N PHE A 286 9.83 34.21 14.17
CA PHE A 286 9.49 32.80 14.26
C PHE A 286 8.16 32.63 14.98
N VAL A 287 7.28 31.84 14.40
CA VAL A 287 5.98 31.53 14.99
C VAL A 287 6.00 30.10 15.48
N THR A 288 5.59 29.88 16.72
CA THR A 288 5.67 28.56 17.32
C THR A 288 4.53 27.69 16.83
N ILE A 289 4.75 26.37 16.90
CA ILE A 289 3.70 25.42 16.54
C ILE A 289 2.53 25.53 17.51
N ARG A 290 2.82 25.79 18.79
CA ARG A 290 1.76 25.97 19.77
C ARG A 290 0.89 27.17 19.42
N GLU A 291 1.50 28.23 18.89
CA GLU A 291 0.74 29.41 18.48
C GLU A 291 -0.17 29.10 17.30
N LEU A 292 0.34 28.35 16.32
CA LEU A 292 -0.49 28.00 15.17
C LEU A 292 -1.63 27.06 15.55
N LEU A 293 -1.37 26.13 16.46
CA LEU A 293 -2.41 25.20 16.89
C LEU A 293 -3.57 25.92 17.57
N LYS A 294 -3.31 27.09 18.16
CA LYS A 294 -4.40 27.86 18.75
C LYS A 294 -5.32 28.47 17.71
N ARG A 295 -4.89 28.55 16.46
CA ARG A 295 -5.69 29.15 15.40
C ARG A 295 -6.09 28.18 14.30
N TYR A 296 -5.31 27.13 14.05
CA TYR A 296 -5.59 26.22 12.95
C TYR A 296 -5.46 24.78 13.41
N GLU A 297 -6.19 23.89 12.72
CA GLU A 297 -6.11 22.47 13.00
C GLU A 297 -4.78 21.90 12.52
N PRO A 298 -4.29 20.82 13.13
CA PRO A 298 -3.02 20.24 12.68
C PRO A 298 -3.04 19.79 11.24
N GLU A 299 -4.17 19.28 10.75
CA GLU A 299 -4.24 18.87 9.35
C GLU A 299 -4.18 20.06 8.41
N VAL A 300 -4.66 21.22 8.86
CA VAL A 300 -4.51 22.43 8.06
C VAL A 300 -3.04 22.79 7.90
N ILE A 301 -2.27 22.69 8.98
CA ILE A 301 -0.84 22.97 8.90
C ILE A 301 -0.15 21.94 8.02
N ARG A 302 -0.53 20.67 8.13
CA ARG A 302 0.05 19.65 7.26
C ARG A 302 -0.24 19.95 5.80
N PHE A 303 -1.47 20.35 5.49
CA PHE A 303 -1.84 20.66 4.11
C PHE A 303 -1.08 21.89 3.61
N PHE A 304 -0.90 22.89 4.47
CA PHE A 304 -0.14 24.07 4.08
C PHE A 304 1.31 23.72 3.79
N VAL A 305 1.89 22.83 4.60
CA VAL A 305 3.26 22.39 4.33
C VAL A 305 3.34 21.60 3.04
N LEU A 306 2.36 20.73 2.80
CA LEU A 306 2.40 19.84 1.65
C LEU A 306 1.98 20.50 0.35
N GLN A 307 1.44 21.71 0.39
CA GLN A 307 1.08 22.40 -0.85
C GLN A 307 2.31 22.83 -1.65
N LYS A 308 3.49 22.83 -1.05
CA LYS A 308 4.73 23.18 -1.71
C LYS A 308 5.68 22.00 -1.70
N HIS A 309 6.52 21.93 -2.73
CA HIS A 309 7.55 20.90 -2.78
C HIS A 309 8.51 21.10 -1.62
N TYR A 310 9.02 19.99 -1.06
CA TYR A 310 9.80 20.09 0.16
C TYR A 310 11.14 20.79 -0.07
N ARG A 311 11.69 20.72 -1.28
CA ARG A 311 12.93 21.44 -1.56
C ARG A 311 12.68 22.92 -1.86
N SER A 312 11.45 23.30 -2.16
CA SER A 312 11.17 24.70 -2.48
C SER A 312 10.95 25.51 -1.20
N PRO A 313 11.31 26.79 -1.23
CA PRO A 313 11.06 27.65 -0.07
C PRO A 313 9.57 27.80 0.18
N LEU A 314 9.21 27.90 1.46
CA LEU A 314 7.82 28.02 1.87
C LEU A 314 7.60 29.41 2.45
N GLU A 315 6.71 30.18 1.82
CA GLU A 315 6.38 31.52 2.29
C GLU A 315 5.27 31.43 3.33
N TYR A 316 5.53 31.94 4.53
CA TYR A 316 4.55 31.89 5.61
C TYR A 316 3.69 33.15 5.57
N THR A 317 2.43 32.98 5.20
CA THR A 317 1.43 34.04 5.28
C THR A 317 0.17 33.47 5.91
N GLU A 318 -0.55 34.33 6.64
CA GLU A 318 -1.83 33.91 7.21
C GLU A 318 -2.84 33.64 6.12
N GLU A 319 -2.78 34.39 5.02
CA GLU A 319 -3.67 34.14 3.89
C GLU A 319 -3.38 32.77 3.26
N GLY A 320 -2.11 32.38 3.19
CA GLY A 320 -1.78 31.05 2.71
C GLY A 320 -2.37 29.96 3.58
N LEU A 321 -2.28 30.14 4.90
CA LEU A 321 -2.88 29.17 5.82
C LEU A 321 -4.39 29.14 5.67
N GLN A 322 -5.01 30.30 5.45
CA GLN A 322 -6.46 30.34 5.23
C GLN A 322 -6.83 29.61 3.95
N HIS A 323 -6.04 29.77 2.89
CA HIS A 323 -6.31 29.06 1.64
C HIS A 323 -6.16 27.56 1.82
N ALA A 324 -5.13 27.13 2.56
CA ALA A 324 -4.96 25.71 2.83
C ALA A 324 -6.14 25.17 3.64
N LYS A 325 -6.62 25.96 4.61
CA LYS A 325 -7.79 25.58 5.39
C LYS A 325 -9.01 25.43 4.50
N ASN A 326 -9.21 26.36 3.57
CA ASN A 326 -10.37 26.28 2.69
C ASN A 326 -10.29 25.07 1.75
N ASN A 327 -9.10 24.79 1.22
CA ASN A 327 -8.96 23.63 0.35
C ASN A 327 -9.18 22.32 1.13
N LEU A 328 -8.65 22.25 2.35
CA LEU A 328 -8.88 21.06 3.17
C LEU A 328 -10.35 20.92 3.53
N GLN A 329 -11.04 22.04 3.75
CA GLN A 329 -12.48 21.98 4.01
C GLN A 329 -13.24 21.51 2.78
N ARG A 330 -12.80 21.91 1.58
CA ARG A 330 -13.42 21.40 0.36
C ARG A 330 -13.25 19.89 0.24
N LEU A 331 -12.05 19.39 0.55
CA LEU A 331 -11.83 17.95 0.52
C LEU A 331 -12.68 17.24 1.58
N TYR A 332 -12.82 17.84 2.76
CA TYR A 332 -13.68 17.29 3.79
C TYR A 332 -15.12 17.23 3.34
N ASN A 333 -15.59 18.27 2.65
CA ASN A 333 -16.95 18.28 2.13
C ASN A 333 -17.13 17.19 1.08
N THR A 334 -16.13 16.99 0.22
CA THR A 334 -16.21 15.91 -0.75
C THR A 334 -16.32 14.55 -0.08
N LEU A 335 -15.49 14.31 0.95
CA LEU A 335 -15.54 13.04 1.66
C LEU A 335 -16.87 12.85 2.37
N GLU A 336 -17.41 13.92 2.97
CA GLU A 336 -18.70 13.82 3.64
C GLU A 336 -19.81 13.54 2.64
N ASN A 337 -19.75 14.15 1.45
CA ASN A 337 -20.74 13.87 0.42
C ASN A 337 -20.66 12.42 -0.04
N ILE A 338 -19.44 11.89 -0.17
CA ILE A 338 -19.30 10.48 -0.53
C ILE A 338 -19.91 9.59 0.55
N ARG A 339 -19.64 9.91 1.82
CA ARG A 339 -20.19 9.11 2.91
C ARG A 339 -21.72 9.15 2.93
N VAL A 340 -22.29 10.34 2.70
CA VAL A 340 -23.75 10.46 2.69
C VAL A 340 -24.34 9.70 1.52
N ALA A 341 -23.71 9.79 0.35
CA ALA A 341 -24.23 9.11 -0.83
C ALA A 341 -24.10 7.58 -0.72
N LEU A 342 -23.11 7.10 0.04
CA LEU A 342 -22.95 5.67 0.19
C LEU A 342 -24.09 5.02 0.98
N ARG A 343 -24.87 5.81 1.72
CA ARG A 343 -25.99 5.24 2.47
C ARG A 343 -27.10 4.76 1.55
N ASN A 344 -27.28 5.41 0.40
CA ASN A 344 -28.31 5.02 -0.57
C ASN A 344 -27.69 4.50 -1.87
N ALA A 345 -26.39 4.28 -1.90
CA ALA A 345 -25.76 3.76 -3.10
C ALA A 345 -26.14 2.29 -3.30
N GLU A 346 -26.36 1.92 -4.55
CA GLU A 346 -26.76 0.56 -4.90
C GLU A 346 -25.69 -0.09 -5.76
N ILE A 347 -25.75 -1.42 -5.84
CA ILE A 347 -24.80 -2.14 -6.67
C ILE A 347 -25.09 -1.84 -8.14
N SER A 348 -24.05 -1.97 -8.97
CA SER A 348 -24.14 -1.60 -10.37
C SER A 348 -24.25 -2.86 -11.22
N TYR A 349 -25.44 -3.09 -11.77
CA TYR A 349 -25.60 -4.14 -12.77
C TYR A 349 -25.14 -3.69 -14.15
N THR A 350 -24.95 -2.39 -14.34
CA THR A 350 -24.43 -1.85 -15.58
C THR A 350 -23.81 -0.49 -15.29
N TRP A 351 -22.95 -0.04 -16.20
CA TRP A 351 -22.30 1.26 -16.09
C TRP A 351 -22.61 2.08 -17.33
N GLY A 352 -23.08 3.31 -17.12
CA GLY A 352 -23.32 4.24 -18.20
C GLY A 352 -22.05 4.98 -18.58
N GLU A 353 -22.22 5.99 -19.43
CA GLU A 353 -21.09 6.81 -19.83
C GLU A 353 -20.56 7.64 -18.68
N LEU A 354 -21.45 8.09 -17.78
CA LEU A 354 -21.03 8.88 -16.63
C LEU A 354 -20.17 8.05 -15.67
N GLU A 355 -20.58 6.80 -15.42
CA GLU A 355 -19.81 5.95 -14.52
C GLU A 355 -18.43 5.67 -15.09
N PHE A 356 -18.35 5.39 -16.40
CA PHE A 356 -17.05 5.15 -17.01
C PHE A 356 -16.19 6.40 -17.00
N LYS A 357 -16.79 7.57 -17.24
CA LYS A 357 -16.03 8.81 -17.17
C LYS A 357 -15.45 9.02 -15.78
N THR A 358 -16.27 8.83 -14.75
CA THR A 358 -15.80 9.01 -13.38
C THR A 358 -14.72 7.99 -13.04
N TYR A 359 -14.89 6.74 -13.45
CA TYR A 359 -13.88 5.72 -13.19
C TYR A 359 -12.57 6.07 -13.87
N GLU A 360 -12.63 6.54 -15.12
CA GLU A 360 -11.41 6.91 -15.83
C GLU A 360 -10.71 8.07 -15.13
N ILE A 361 -11.46 9.06 -14.66
CA ILE A 361 -10.83 10.18 -13.97
C ILE A 361 -10.21 9.71 -12.66
N ILE A 362 -10.88 8.82 -11.93
CA ILE A 362 -10.33 8.33 -10.66
C ILE A 362 -9.05 7.54 -10.91
N ARG A 363 -9.06 6.66 -11.93
CA ARG A 363 -7.88 5.87 -12.25
C ARG A 363 -6.72 6.77 -12.67
N GLU A 364 -6.99 7.76 -13.51
CA GLU A 364 -5.94 8.66 -13.95
C GLU A 364 -5.43 9.50 -12.80
N GLY A 365 -6.30 9.88 -11.86
CA GLY A 365 -5.86 10.62 -10.70
C GLY A 365 -4.96 9.80 -9.81
N LYS A 366 -5.29 8.52 -9.60
CA LYS A 366 -4.42 7.65 -8.83
C LYS A 366 -3.07 7.47 -9.51
N ARG A 367 -3.08 7.27 -10.83
CA ARG A 367 -1.82 7.13 -11.56
C ARG A 367 -0.98 8.40 -11.46
N LYS A 368 -1.62 9.56 -11.60
CA LYS A 368 -0.88 10.82 -11.50
C LYS A 368 -0.38 11.07 -10.08
N PHE A 369 -1.14 10.65 -9.07
CA PHE A 369 -0.67 10.77 -7.70
C PHE A 369 0.59 9.94 -7.48
N TYR A 370 0.59 8.70 -7.97
CA TYR A 370 1.77 7.86 -7.82
C TYR A 370 2.94 8.40 -8.63
N GLU A 371 2.66 8.93 -9.82
CA GLU A 371 3.73 9.49 -10.65
C GLU A 371 4.33 10.73 -10.00
N ALA A 372 3.50 11.56 -9.38
CA ALA A 372 4.00 12.76 -8.72
C ALA A 372 4.80 12.42 -7.47
N MET A 373 4.31 11.47 -6.67
CA MET A 373 5.04 11.08 -5.47
C MET A 373 6.33 10.35 -5.82
N ASP A 374 6.37 9.69 -6.97
CA ASP A 374 7.61 9.07 -7.44
C ASP A 374 8.60 10.07 -8.02
N ASP A 375 8.16 11.31 -8.29
CA ASP A 375 9.03 12.33 -8.85
C ASP A 375 9.51 13.23 -7.73
N ASP A 376 10.46 12.71 -6.94
CA ASP A 376 11.10 13.47 -5.86
C ASP A 376 10.07 13.96 -4.84
N PHE A 377 9.08 13.11 -4.54
CA PHE A 377 8.05 13.41 -3.55
C PHE A 377 7.36 14.74 -3.83
N ASN A 378 6.99 14.95 -5.11
CA ASN A 378 6.33 16.18 -5.50
C ASN A 378 4.89 16.19 -5.03
N THR A 379 4.65 16.73 -3.83
CA THR A 379 3.31 16.70 -3.26
C THR A 379 2.37 17.70 -3.92
N ALA A 380 2.90 18.70 -4.63
CA ALA A 380 2.04 19.69 -5.27
C ALA A 380 1.23 19.05 -6.40
N GLU A 381 1.90 18.30 -7.28
CA GLU A 381 1.18 17.61 -8.35
C GLU A 381 0.29 16.51 -7.79
N ALA A 382 0.69 15.88 -6.69
CA ALA A 382 -0.17 14.89 -6.05
C ALA A 382 -1.45 15.53 -5.56
N LEU A 383 -1.35 16.71 -4.94
CA LEU A 383 -2.55 17.43 -4.51
C LEU A 383 -3.38 17.89 -5.69
N LYS A 384 -2.74 18.26 -6.81
CA LYS A 384 -3.50 18.60 -8.00
C LYS A 384 -4.32 17.41 -8.49
N ALA A 385 -3.71 16.22 -8.50
CA ALA A 385 -4.45 15.02 -8.87
C ALA A 385 -5.59 14.73 -7.89
N VAL A 386 -5.33 14.94 -6.60
CA VAL A 386 -6.36 14.72 -5.59
C VAL A 386 -7.55 15.65 -5.83
N PHE A 387 -7.27 16.92 -6.13
CA PHE A 387 -8.35 17.86 -6.38
C PHE A 387 -9.08 17.56 -7.68
N GLU A 388 -8.38 17.04 -8.69
CA GLU A 388 -9.06 16.60 -9.90
C GLU A 388 -10.03 15.47 -9.59
N VAL A 389 -9.60 14.50 -8.79
CA VAL A 389 -10.47 13.39 -8.43
C VAL A 389 -11.65 13.90 -7.61
N ALA A 390 -11.42 14.82 -6.69
CA ALA A 390 -12.51 15.35 -5.86
C ALA A 390 -13.52 16.11 -6.71
N ASN A 391 -13.06 16.92 -7.67
CA ASN A 391 -13.98 17.62 -8.54
C ASN A 391 -14.77 16.64 -9.40
N ALA A 392 -14.12 15.58 -9.89
CA ALA A 392 -14.83 14.58 -10.67
C ALA A 392 -15.89 13.89 -9.84
N ILE A 393 -15.59 13.57 -8.58
CA ILE A 393 -16.56 12.91 -7.71
C ILE A 393 -17.72 13.83 -7.40
N ASN A 394 -17.45 15.12 -7.16
CA ASN A 394 -18.53 16.06 -6.91
C ASN A 394 -19.43 16.19 -8.14
N LYS A 395 -18.83 16.24 -9.34
CA LYS A 395 -19.62 16.31 -10.55
C LYS A 395 -20.46 15.05 -10.73
N TYR A 396 -19.88 13.88 -10.44
CA TYR A 396 -20.63 12.64 -10.56
C TYR A 396 -21.80 12.59 -9.58
N LEU A 397 -21.58 13.03 -8.34
CA LEU A 397 -22.67 13.02 -7.36
C LEU A 397 -23.74 14.04 -7.72
N THR A 398 -23.35 15.14 -8.37
CA THR A 398 -24.35 16.12 -8.80
C THR A 398 -25.17 15.61 -9.97
N GLU A 399 -24.53 14.91 -10.91
CA GLU A 399 -25.18 14.52 -12.15
C GLU A 399 -25.88 13.16 -12.06
N ALA A 400 -25.35 12.22 -11.29
CA ALA A 400 -25.92 10.88 -11.25
C ALA A 400 -27.23 10.86 -10.48
N ASN A 401 -28.27 10.29 -11.09
CA ASN A 401 -29.55 10.15 -10.42
C ASN A 401 -29.46 9.14 -9.28
N LYS A 402 -28.77 8.03 -9.50
CA LYS A 402 -28.56 7.02 -8.48
C LYS A 402 -27.09 6.62 -8.46
N PRO A 403 -26.31 7.13 -7.50
CA PRO A 403 -24.86 6.83 -7.49
C PRO A 403 -24.60 5.35 -7.31
N LYS A 404 -23.59 4.86 -8.04
CA LYS A 404 -23.17 3.47 -7.91
C LYS A 404 -22.19 3.31 -6.76
N GLU A 405 -22.32 2.19 -6.05
CA GLU A 405 -21.48 1.95 -4.88
C GLU A 405 -20.02 1.72 -5.26
N SER A 406 -19.78 1.12 -6.42
CA SER A 406 -18.40 0.82 -6.83
C SER A 406 -17.60 2.10 -7.08
N ILE A 407 -18.21 3.10 -7.72
CA ILE A 407 -17.51 4.35 -8.00
C ILE A 407 -17.12 5.04 -6.70
N LEU A 408 -18.06 5.12 -5.76
CA LEU A 408 -17.78 5.75 -4.46
C LEU A 408 -16.74 4.96 -3.70
N ARG A 409 -16.77 3.63 -3.81
CA ARG A 409 -15.77 2.81 -3.14
C ARG A 409 -14.38 3.05 -3.71
N LYS A 410 -14.27 3.17 -5.03
CA LYS A 410 -12.97 3.46 -5.62
C LYS A 410 -12.48 4.85 -5.23
N ALA A 411 -13.38 5.83 -5.17
CA ALA A 411 -13.00 7.15 -4.72
C ALA A 411 -12.49 7.11 -3.27
N LEU A 412 -13.19 6.37 -2.41
CA LEU A 412 -12.75 6.25 -1.03
C LEU A 412 -11.42 5.52 -0.92
N GLU A 413 -11.17 4.54 -1.79
CA GLU A 413 -9.88 3.87 -1.78
C GLU A 413 -8.76 4.83 -2.16
N PHE A 414 -8.99 5.66 -3.19
CA PHE A 414 -7.99 6.65 -3.58
C PHE A 414 -7.74 7.64 -2.44
N PHE A 415 -8.81 8.12 -1.81
CA PHE A 415 -8.64 9.06 -0.72
C PHE A 415 -8.02 8.40 0.50
N LYS A 416 -8.22 7.10 0.68
CA LYS A 416 -7.56 6.39 1.77
C LYS A 416 -6.06 6.28 1.51
N ILE A 417 -5.67 6.05 0.26
CA ILE A 417 -4.25 6.07 -0.08
C ILE A 417 -3.67 7.46 0.19
N VAL A 418 -4.40 8.50 -0.21
CA VAL A 418 -3.95 9.86 0.05
C VAL A 418 -3.83 10.13 1.55
N SER A 419 -4.77 9.61 2.33
CA SER A 419 -4.74 9.78 3.78
C SER A 419 -3.52 9.08 4.38
N GLU A 420 -3.23 7.86 3.91
CA GLU A 420 -2.09 7.13 4.44
C GLU A 420 -0.77 7.79 4.08
N VAL A 421 -0.68 8.37 2.88
CA VAL A 421 0.58 8.96 2.45
C VAL A 421 0.79 10.34 3.06
N PHE A 422 -0.24 11.18 3.03
CA PHE A 422 -0.11 12.57 3.47
C PHE A 422 -0.44 12.76 4.94
N GLY A 423 -1.09 11.80 5.59
CA GLY A 423 -1.46 11.97 6.97
C GLY A 423 -2.64 12.88 7.21
N VAL A 424 -3.50 13.08 6.21
CA VAL A 424 -4.69 13.90 6.35
C VAL A 424 -5.89 12.97 6.30
N PHE A 425 -7.09 13.53 6.51
CA PHE A 425 -8.35 12.77 6.48
C PHE A 425 -8.37 11.65 7.52
N GLU A 426 -7.54 11.74 8.56
CA GLU A 426 -7.42 10.63 9.49
C GLU A 426 -8.71 10.41 10.28
N ASP A 427 -9.36 11.50 10.71
CA ASP A 427 -10.59 11.36 11.46
C ASP A 427 -11.71 10.77 10.60
N TYR A 428 -11.73 11.09 9.31
CA TYR A 428 -12.78 10.56 8.44
C TYR A 428 -12.65 9.06 8.26
N PHE A 429 -11.44 8.58 7.96
CA PHE A 429 -11.22 7.15 7.73
C PHE A 429 -11.09 6.35 9.01
N ARG A 430 -10.93 7.01 10.16
CA ARG A 430 -10.97 6.28 11.43
C ARG A 430 -12.35 5.68 11.66
N GLU A 431 -13.40 6.42 11.34
CA GLU A 431 -14.77 5.92 11.47
C GLU A 431 -15.23 5.20 10.21
N GLY B 13 12.24 -8.66 -7.62
CA GLY B 13 11.49 -9.25 -8.72
C GLY B 13 10.04 -8.79 -8.77
N GLY B 14 9.53 -8.60 -9.98
CA GLY B 14 8.16 -8.17 -10.14
C GLY B 14 7.16 -9.28 -9.87
N LEU B 15 5.89 -8.89 -9.86
CA LEU B 15 4.82 -9.86 -9.65
C LEU B 15 4.73 -10.82 -10.82
N LYS B 16 4.73 -12.11 -10.52
CA LYS B 16 4.58 -13.17 -11.52
C LYS B 16 3.26 -13.90 -11.30
N VAL B 17 2.61 -14.26 -12.40
CA VAL B 17 1.35 -14.98 -12.34
C VAL B 17 1.46 -16.21 -13.23
N TYR B 18 0.72 -17.25 -12.85
CA TYR B 18 0.71 -18.51 -13.60
C TYR B 18 -0.34 -18.43 -14.68
N ASN B 19 0.10 -18.33 -15.94
CA ASN B 19 -0.80 -18.29 -17.08
C ASN B 19 -1.12 -19.71 -17.51
N THR B 20 -2.42 -20.05 -17.54
CA THR B 20 -2.85 -21.36 -18.00
C THR B 20 -2.73 -21.49 -19.52
N LEU B 21 -2.88 -20.37 -20.24
CA LEU B 21 -2.75 -20.42 -21.69
C LEU B 21 -1.36 -20.90 -22.10
N THR B 22 -0.32 -20.39 -21.44
CA THR B 22 1.04 -20.86 -21.65
C THR B 22 1.48 -21.87 -20.59
N LYS B 23 0.66 -22.11 -19.58
CA LYS B 23 0.95 -23.09 -18.52
C LYS B 23 2.28 -22.81 -17.83
N GLN B 24 2.57 -21.54 -17.58
CA GLN B 24 3.85 -21.19 -16.99
C GLN B 24 3.74 -19.85 -16.29
N LYS B 25 4.72 -19.55 -15.44
CA LYS B 25 4.75 -18.30 -14.72
C LYS B 25 5.36 -17.20 -15.57
N GLU B 26 4.65 -16.08 -15.69
CA GLU B 26 5.08 -14.94 -16.50
C GLU B 26 5.02 -13.69 -15.65
N GLU B 27 5.90 -12.73 -15.97
CA GLU B 27 5.85 -11.43 -15.33
C GLU B 27 4.55 -10.73 -15.67
N PHE B 28 3.87 -10.20 -14.66
CA PHE B 28 2.56 -9.58 -14.85
C PHE B 28 2.75 -8.16 -15.37
N LYS B 29 2.40 -7.95 -16.64
CA LYS B 29 2.45 -6.63 -17.26
C LYS B 29 1.07 -6.30 -17.81
N PRO B 30 0.34 -5.39 -17.20
CA PRO B 30 -1.00 -5.06 -17.69
C PRO B 30 -0.95 -4.33 -19.02
N LEU B 31 -2.08 -4.39 -19.73
CA LEU B 31 -2.17 -3.74 -21.03
C LEU B 31 -2.01 -2.23 -20.91
N ARG B 32 -2.64 -1.63 -19.90
CA ARG B 32 -2.53 -0.21 -19.64
C ARG B 32 -1.92 0.02 -18.27
N GLU B 33 -1.00 0.98 -18.20
CA GLU B 33 -0.25 1.20 -16.96
C GLU B 33 -1.18 1.65 -15.84
N GLY B 34 -1.05 1.01 -14.69
CA GLY B 34 -1.81 1.38 -13.51
C GLY B 34 -3.21 0.81 -13.44
N GLU B 35 -3.65 0.07 -14.45
CA GLU B 35 -4.99 -0.46 -14.50
C GLU B 35 -4.97 -1.96 -14.79
N VAL B 36 -5.72 -2.72 -14.01
CA VAL B 36 -5.91 -4.15 -14.23
C VAL B 36 -7.41 -4.39 -14.40
N LYS B 37 -7.79 -4.90 -15.56
CA LYS B 37 -9.17 -5.26 -15.84
C LYS B 37 -9.33 -6.75 -15.65
N MET B 38 -10.10 -7.15 -14.64
CA MET B 38 -10.27 -8.54 -14.26
C MET B 38 -11.71 -8.96 -14.50
N TYR B 39 -11.89 -10.16 -15.03
CA TYR B 39 -13.22 -10.71 -15.27
C TYR B 39 -13.31 -12.08 -14.60
N VAL B 40 -14.36 -12.28 -13.81
CA VAL B 40 -14.57 -13.52 -13.08
C VAL B 40 -15.92 -14.09 -13.48
N CYS B 41 -15.94 -15.35 -13.93
CA CYS B 41 -17.19 -16.01 -14.23
C CYS B 41 -18.00 -16.20 -12.95
N GLY B 42 -19.20 -15.64 -12.93
CA GLY B 42 -20.03 -15.68 -11.76
C GLY B 42 -20.72 -17.01 -11.59
N PRO B 43 -21.47 -17.13 -10.50
CA PRO B 43 -22.17 -18.38 -10.21
C PRO B 43 -23.50 -18.48 -10.92
N THR B 44 -23.96 -19.71 -11.10
CA THR B 44 -25.29 -19.98 -11.60
C THR B 44 -26.26 -19.90 -10.42
N VAL B 45 -27.10 -18.87 -10.40
CA VAL B 45 -27.93 -18.59 -9.24
C VAL B 45 -29.22 -19.40 -9.30
N TYR B 46 -29.17 -20.64 -8.83
CA TYR B 46 -30.36 -21.44 -8.65
C TYR B 46 -30.40 -22.17 -7.32
N ASP B 47 -29.31 -22.18 -6.55
CA ASP B 47 -29.25 -22.86 -5.27
C ASP B 47 -28.24 -22.14 -4.39
N TYR B 48 -28.22 -22.52 -3.11
CA TYR B 48 -27.34 -21.87 -2.15
C TYR B 48 -25.88 -22.12 -2.50
N PRO B 49 -25.02 -21.12 -2.38
CA PRO B 49 -23.61 -21.31 -2.70
C PRO B 49 -22.95 -22.31 -1.76
N HIS B 50 -22.00 -23.06 -2.29
CA HIS B 50 -21.25 -24.06 -1.55
C HIS B 50 -19.81 -23.60 -1.36
N LEU B 51 -18.98 -24.49 -0.80
CA LEU B 51 -17.62 -24.11 -0.45
C LEU B 51 -16.73 -23.88 -1.68
N GLY B 52 -17.06 -24.47 -2.82
CA GLY B 52 -16.28 -24.21 -4.02
C GLY B 52 -16.37 -22.77 -4.48
N HIS B 53 -17.59 -22.21 -4.48
CA HIS B 53 -17.75 -20.80 -4.79
C HIS B 53 -17.01 -19.92 -3.80
N ALA B 54 -17.09 -20.26 -2.51
CA ALA B 54 -16.39 -19.50 -1.49
C ALA B 54 -14.88 -19.53 -1.74
N ARG B 55 -14.33 -20.70 -2.06
CA ARG B 55 -12.90 -20.81 -2.30
C ARG B 55 -12.49 -19.98 -3.52
N THR B 56 -13.23 -20.11 -4.62
CA THR B 56 -12.88 -19.38 -5.84
C THR B 56 -12.95 -17.87 -5.62
N TYR B 57 -14.05 -17.41 -5.04
CA TYR B 57 -14.24 -15.97 -4.92
C TYR B 57 -13.38 -15.36 -3.82
N ILE B 58 -13.06 -16.10 -2.77
CA ILE B 58 -12.11 -15.60 -1.78
C ILE B 58 -10.71 -15.52 -2.38
N ALA B 59 -10.32 -16.51 -3.18
CA ALA B 59 -9.02 -16.45 -3.84
C ALA B 59 -8.93 -15.25 -4.78
N PHE B 60 -9.98 -15.01 -5.56
CA PHE B 60 -9.94 -13.88 -6.48
C PHE B 60 -10.07 -12.55 -5.75
N ASP B 61 -10.77 -12.52 -4.61
CA ASP B 61 -10.81 -11.31 -3.80
C ASP B 61 -9.44 -11.00 -3.23
N VAL B 62 -8.70 -12.01 -2.79
CA VAL B 62 -7.35 -11.80 -2.30
C VAL B 62 -6.44 -11.32 -3.43
N ILE B 63 -6.62 -11.88 -4.63
CA ILE B 63 -5.84 -11.42 -5.77
C ILE B 63 -6.13 -9.94 -6.04
N ARG B 64 -7.41 -9.56 -6.03
CA ARG B 64 -7.76 -8.16 -6.26
C ARG B 64 -7.21 -7.25 -5.17
N ARG B 65 -7.27 -7.69 -3.91
CA ARG B 65 -6.75 -6.89 -2.82
C ARG B 65 -5.25 -6.70 -2.95
N TYR B 66 -4.52 -7.74 -3.33
CA TYR B 66 -3.08 -7.59 -3.51
C TYR B 66 -2.76 -6.70 -4.70
N LEU B 67 -3.51 -6.82 -5.80
CA LEU B 67 -3.27 -5.98 -6.96
C LEU B 67 -3.52 -4.51 -6.63
N GLU B 68 -4.57 -4.22 -5.87
CA GLU B 68 -4.82 -2.85 -5.45
C GLU B 68 -3.77 -2.39 -4.43
N HIS B 69 -3.25 -3.30 -3.63
CA HIS B 69 -2.22 -2.95 -2.66
C HIS B 69 -0.91 -2.57 -3.35
N LYS B 70 -0.67 -3.08 -4.55
CA LYS B 70 0.53 -2.78 -5.30
C LYS B 70 0.43 -1.49 -6.11
N GLY B 71 -0.71 -0.79 -6.03
CA GLY B 71 -0.89 0.47 -6.73
C GLY B 71 -1.73 0.40 -7.98
N TYR B 72 -2.19 -0.78 -8.38
CA TYR B 72 -3.04 -0.90 -9.56
C TYR B 72 -4.47 -0.49 -9.21
N THR B 73 -5.15 0.07 -10.21
CA THR B 73 -6.59 0.28 -10.15
C THR B 73 -7.26 -0.90 -10.83
N VAL B 74 -8.02 -1.68 -10.06
CA VAL B 74 -8.58 -2.94 -10.55
C VAL B 74 -10.06 -2.73 -10.83
N LEU B 75 -10.45 -2.95 -12.08
CA LEU B 75 -11.85 -2.96 -12.49
C LEU B 75 -12.24 -4.43 -12.65
N MET B 76 -13.00 -4.94 -11.69
CA MET B 76 -13.40 -6.34 -11.67
C MET B 76 -14.86 -6.47 -12.05
N VAL B 77 -15.14 -7.33 -13.02
CA VAL B 77 -16.49 -7.58 -13.50
C VAL B 77 -16.82 -9.04 -13.27
N MET B 78 -17.90 -9.30 -12.54
CA MET B 78 -18.40 -10.65 -12.30
C MET B 78 -19.80 -10.74 -12.87
N ASN B 79 -20.02 -11.66 -13.80
CA ASN B 79 -21.29 -11.77 -14.46
C ASN B 79 -22.26 -12.63 -13.65
N PHE B 80 -23.53 -12.58 -14.05
CA PHE B 80 -24.56 -13.40 -13.43
C PHE B 80 -25.36 -14.09 -14.53
N THR B 81 -25.39 -15.41 -14.49
CA THR B 81 -26.21 -16.19 -15.43
C THR B 81 -27.56 -16.41 -14.76
N ASP B 82 -28.46 -15.44 -14.94
CA ASP B 82 -29.76 -15.52 -14.28
C ASP B 82 -30.76 -16.39 -15.03
N ILE B 83 -30.48 -16.73 -16.28
CA ILE B 83 -31.32 -17.65 -17.05
C ILE B 83 -30.45 -18.82 -17.51
N ASP B 84 -30.89 -20.03 -17.21
CA ASP B 84 -30.14 -21.23 -17.54
C ASP B 84 -31.10 -22.42 -17.50
N ASP B 85 -30.76 -23.45 -18.28
CA ASP B 85 -31.61 -24.64 -18.33
C ASP B 85 -31.70 -25.31 -16.96
N LYS B 86 -30.61 -25.29 -16.19
CA LYS B 86 -30.67 -25.78 -14.82
C LYS B 86 -31.54 -24.90 -13.94
N ILE B 87 -31.52 -23.58 -14.17
CA ILE B 87 -32.41 -22.69 -13.44
C ILE B 87 -33.85 -22.97 -13.81
N ILE B 88 -34.14 -23.20 -15.09
CA ILE B 88 -35.49 -23.54 -15.50
C ILE B 88 -35.93 -24.85 -14.86
N LYS B 89 -35.02 -25.82 -14.78
CA LYS B 89 -35.34 -27.09 -14.14
C LYS B 89 -35.69 -26.89 -12.67
N ARG B 90 -34.88 -26.10 -11.96
CA ARG B 90 -35.16 -25.85 -10.55
C ARG B 90 -36.47 -25.09 -10.38
N ALA B 91 -36.76 -24.15 -11.28
CA ALA B 91 -38.00 -23.40 -11.21
C ALA B 91 -39.21 -24.29 -11.44
N ARG B 92 -39.10 -25.24 -12.38
CA ARG B 92 -40.19 -26.19 -12.59
C ARG B 92 -40.35 -27.11 -11.39
N GLU B 93 -39.24 -27.50 -10.75
CA GLU B 93 -39.33 -28.34 -9.56
C GLU B 93 -40.02 -27.61 -8.42
N THR B 94 -39.67 -26.34 -8.21
CA THR B 94 -40.22 -25.56 -7.11
C THR B 94 -41.55 -24.90 -7.44
N GLY B 95 -42.01 -24.98 -8.68
CA GLY B 95 -43.24 -24.30 -9.05
C GLY B 95 -43.16 -22.80 -9.00
N GLU B 96 -41.97 -22.24 -9.20
CA GLU B 96 -41.74 -20.81 -9.13
C GLU B 96 -41.30 -20.30 -10.49
N ASP B 97 -41.51 -19.00 -10.72
CA ASP B 97 -41.04 -18.39 -11.96
C ASP B 97 -39.51 -18.37 -11.98
N PRO B 98 -38.90 -18.68 -13.12
CA PRO B 98 -37.42 -18.71 -13.17
C PRO B 98 -36.78 -17.39 -12.79
N LYS B 99 -37.36 -16.27 -13.21
CA LYS B 99 -36.75 -14.97 -12.93
C LYS B 99 -36.77 -14.66 -11.44
N GLU B 100 -37.89 -14.96 -10.77
CA GLU B 100 -37.98 -14.68 -9.34
C GLU B 100 -37.00 -15.53 -8.54
N LEU B 101 -36.89 -16.83 -8.88
CA LEU B 101 -35.90 -17.67 -8.21
C LEU B 101 -34.49 -17.17 -8.48
N ALA B 102 -34.22 -16.76 -9.72
CA ALA B 102 -32.90 -16.24 -10.05
C ALA B 102 -32.56 -15.01 -9.23
N GLU B 103 -33.52 -14.09 -9.11
CA GLU B 103 -33.29 -12.86 -8.34
C GLU B 103 -33.11 -13.17 -6.86
N ARG B 104 -33.91 -14.11 -6.33
CA ARG B 104 -33.80 -14.47 -4.91
C ARG B 104 -32.42 -15.06 -4.63
N PHE B 105 -31.93 -15.95 -5.49
CA PHE B 105 -30.61 -16.52 -5.24
C PHE B 105 -29.49 -15.54 -5.58
N ILE B 106 -29.74 -14.54 -6.43
CA ILE B 106 -28.78 -13.45 -6.58
C ILE B 106 -28.62 -12.73 -5.25
N LYS B 107 -29.75 -12.42 -4.60
CA LYS B 107 -29.70 -11.74 -3.31
C LYS B 107 -29.02 -12.62 -2.26
N ILE B 108 -29.30 -13.93 -2.29
CA ILE B 108 -28.67 -14.84 -1.33
C ILE B 108 -27.16 -14.90 -1.54
N PHE B 109 -26.73 -14.96 -2.81
CA PHE B 109 -25.30 -15.00 -3.10
C PHE B 109 -24.61 -13.70 -2.68
N LEU B 110 -25.27 -12.57 -2.92
CA LEU B 110 -24.70 -11.30 -2.49
C LEU B 110 -24.57 -11.24 -0.97
N GLU B 111 -25.58 -11.73 -0.26
CA GLU B 111 -25.49 -11.77 1.20
C GLU B 111 -24.35 -12.66 1.67
N ASP B 112 -24.18 -13.81 1.01
CA ASP B 112 -23.11 -14.73 1.40
C ASP B 112 -21.73 -14.14 1.14
N MET B 113 -21.56 -13.46 0.01
CA MET B 113 -20.27 -12.84 -0.28
C MET B 113 -20.01 -11.65 0.65
N GLU B 114 -21.06 -10.92 1.02
CA GLU B 114 -20.87 -9.84 1.99
C GLU B 114 -20.48 -10.39 3.36
N ALA B 115 -21.05 -11.54 3.74
CA ALA B 115 -20.70 -12.15 5.02
C ALA B 115 -19.24 -12.59 5.03
N LEU B 116 -18.75 -13.15 3.92
CA LEU B 116 -17.38 -13.65 3.83
C LEU B 116 -16.36 -12.53 3.62
N LYS B 117 -16.75 -11.27 3.83
CA LYS B 117 -15.84 -10.13 3.71
C LYS B 117 -15.20 -10.04 2.33
N VAL B 118 -15.92 -10.46 1.30
CA VAL B 118 -15.45 -10.37 -0.08
C VAL B 118 -15.92 -9.04 -0.65
N LYS B 119 -14.98 -8.26 -1.18
CA LYS B 119 -15.32 -6.97 -1.75
C LYS B 119 -16.21 -7.17 -2.97
N PRO B 120 -17.33 -6.45 -3.08
CA PRO B 120 -18.20 -6.64 -4.24
C PRO B 120 -17.53 -6.20 -5.53
N ALA B 121 -17.90 -6.89 -6.61
CA ALA B 121 -17.36 -6.53 -7.91
C ALA B 121 -17.92 -5.19 -8.37
N ASP B 122 -17.20 -4.54 -9.28
CA ASP B 122 -17.60 -3.21 -9.73
C ASP B 122 -18.88 -3.27 -10.56
N ILE B 123 -18.97 -4.24 -11.46
CA ILE B 123 -20.12 -4.40 -12.33
C ILE B 123 -20.63 -5.84 -12.20
N TYR B 124 -21.95 -6.00 -12.16
CA TYR B 124 -22.61 -7.30 -12.10
C TYR B 124 -23.59 -7.40 -13.26
N PRO B 125 -23.10 -7.64 -14.47
CA PRO B 125 -24.01 -7.74 -15.62
C PRO B 125 -24.87 -8.99 -15.54
N ARG B 126 -26.07 -8.89 -16.10
CA ARG B 126 -27.04 -9.97 -16.10
C ARG B 126 -27.35 -10.37 -17.53
N VAL B 127 -27.67 -11.66 -17.72
CA VAL B 127 -27.98 -12.16 -19.05
C VAL B 127 -29.27 -11.55 -19.57
N THR B 128 -30.28 -11.46 -18.70
CA THR B 128 -31.57 -10.91 -19.14
C THR B 128 -31.49 -9.44 -19.49
N ASP B 129 -30.45 -8.74 -19.04
CA ASP B 129 -30.26 -7.33 -19.37
C ASP B 129 -29.35 -7.09 -20.56
N HIS B 130 -28.85 -8.16 -21.19
CA HIS B 130 -27.91 -8.02 -22.30
C HIS B 130 -28.30 -8.95 -23.44
N ILE B 131 -29.60 -9.12 -23.67
CA ILE B 131 -30.05 -9.99 -24.74
C ILE B 131 -29.70 -9.41 -26.10
N ASP B 132 -29.91 -8.10 -26.28
CA ASP B 132 -29.66 -7.48 -27.58
C ASP B 132 -28.18 -7.50 -27.94
N ASP B 133 -27.31 -7.29 -26.95
CA ASP B 133 -25.88 -7.39 -27.21
C ASP B 133 -25.47 -8.79 -27.62
N ILE B 134 -26.06 -9.81 -26.96
CA ILE B 134 -25.78 -11.19 -27.34
C ILE B 134 -26.24 -11.46 -28.77
N ILE B 135 -27.42 -10.95 -29.12
CA ILE B 135 -27.93 -11.13 -30.48
C ILE B 135 -27.01 -10.46 -31.50
N GLU B 136 -26.53 -9.26 -31.17
CA GLU B 136 -25.60 -8.56 -32.06
C GLU B 136 -24.29 -9.35 -32.21
N PHE B 137 -23.80 -9.93 -31.10
CA PHE B 137 -22.58 -10.72 -31.17
C PHE B 137 -22.77 -11.96 -32.04
N ILE B 138 -23.91 -12.63 -31.88
CA ILE B 138 -24.18 -13.81 -32.70
C ILE B 138 -24.31 -13.44 -34.17
N GLY B 139 -24.95 -12.30 -34.47
CA GLY B 139 -25.03 -11.84 -35.84
C GLY B 139 -23.67 -11.53 -36.43
N LYS B 140 -22.80 -10.91 -35.63
CA LYS B 140 -21.45 -10.62 -36.09
C LYS B 140 -20.66 -11.90 -36.33
N LEU B 141 -20.88 -12.92 -35.51
CA LEU B 141 -20.26 -14.22 -35.75
C LEU B 141 -20.78 -14.85 -37.04
N LYS B 142 -22.09 -14.75 -37.27
CA LYS B 142 -22.68 -15.37 -38.47
C LYS B 142 -22.21 -14.68 -39.74
N GLU B 143 -22.21 -13.36 -39.76
CA GLU B 143 -21.76 -12.63 -40.93
C GLU B 143 -20.26 -12.72 -41.14
N LYS B 144 -19.52 -13.22 -40.16
CA LYS B 144 -18.09 -13.49 -40.30
C LYS B 144 -17.80 -14.93 -40.68
N GLY B 145 -18.83 -15.73 -40.95
CA GLY B 145 -18.64 -17.12 -41.30
C GLY B 145 -18.10 -17.99 -40.19
N TYR B 146 -18.60 -17.81 -38.97
CA TYR B 146 -18.21 -18.64 -37.84
C TYR B 146 -19.38 -19.36 -37.18
N ALA B 147 -20.61 -19.13 -37.65
CA ALA B 147 -21.78 -19.77 -37.07
C ALA B 147 -22.76 -20.15 -38.17
N TYR B 148 -23.60 -21.13 -37.89
CA TYR B 148 -24.62 -21.58 -38.82
C TYR B 148 -25.94 -21.78 -38.07
N GLU B 149 -27.01 -21.91 -38.85
CA GLU B 149 -28.34 -22.11 -38.29
C GLU B 149 -28.70 -23.58 -38.37
N GLY B 150 -29.01 -24.18 -37.22
CA GLY B 150 -29.39 -25.56 -37.14
C GLY B 150 -30.90 -25.75 -37.06
N SER B 151 -31.30 -26.98 -36.77
CA SER B 151 -32.72 -27.29 -36.66
C SER B 151 -33.34 -26.68 -35.42
N ASP B 152 -32.57 -26.55 -34.33
CA ASP B 152 -33.10 -26.03 -33.07
C ASP B 152 -32.34 -24.80 -32.58
N GLY B 153 -31.61 -24.13 -33.46
CA GLY B 153 -30.97 -22.88 -33.07
C GLY B 153 -29.73 -22.60 -33.92
N ILE B 154 -28.94 -21.67 -33.42
CA ILE B 154 -27.69 -21.23 -34.04
C ILE B 154 -26.53 -21.86 -33.30
N TYR B 155 -25.61 -22.46 -34.06
CA TYR B 155 -24.45 -23.16 -33.51
C TYR B 155 -23.16 -22.59 -34.07
N PHE B 156 -22.18 -22.43 -33.19
CA PHE B 156 -20.84 -21.99 -33.59
C PHE B 156 -20.08 -23.18 -34.15
N GLU B 157 -19.35 -22.97 -35.25
CA GLU B 157 -18.57 -24.01 -35.89
C GLU B 157 -17.14 -23.95 -35.39
N VAL B 158 -16.66 -25.06 -34.83
CA VAL B 158 -15.33 -25.06 -34.23
C VAL B 158 -14.25 -25.16 -35.30
N LYS B 159 -14.53 -25.83 -36.42
CA LYS B 159 -13.52 -26.05 -37.45
C LYS B 159 -13.05 -24.75 -38.09
N LYS B 160 -13.86 -23.70 -38.07
CA LYS B 160 -13.43 -22.42 -38.63
C LYS B 160 -12.34 -21.78 -37.77
N PHE B 161 -12.28 -22.12 -36.49
CA PHE B 161 -11.28 -21.56 -35.59
C PHE B 161 -10.18 -22.59 -35.38
N PRO B 162 -8.98 -22.39 -35.93
CA PRO B 162 -7.93 -23.42 -35.82
C PRO B 162 -7.28 -23.46 -34.45
N GLU B 163 -7.23 -22.32 -33.76
CA GLU B 163 -6.56 -22.22 -32.47
C GLU B 163 -7.37 -22.78 -31.32
N TYR B 164 -8.46 -23.48 -31.59
CA TYR B 164 -9.25 -24.07 -30.53
C TYR B 164 -8.44 -25.16 -29.83
N GLY B 165 -8.49 -25.15 -28.50
CA GLY B 165 -7.77 -26.12 -27.70
C GLY B 165 -6.43 -25.66 -27.16
N LYS B 166 -6.07 -24.39 -27.34
CA LYS B 166 -4.78 -23.91 -26.87
C LYS B 166 -4.76 -23.68 -25.37
N LEU B 167 -5.93 -23.58 -24.72
CA LEU B 167 -5.99 -23.35 -23.28
C LEU B 167 -6.04 -24.68 -22.52
N SER B 168 -7.04 -25.50 -22.80
CA SER B 168 -7.20 -26.76 -22.08
C SER B 168 -6.34 -27.88 -22.64
N GLY B 169 -5.78 -27.72 -23.84
CA GLY B 169 -5.00 -28.76 -24.46
C GLY B 169 -5.81 -29.85 -25.13
N VAL B 170 -7.13 -29.72 -25.17
CA VAL B 170 -7.99 -30.75 -25.75
C VAL B 170 -7.94 -30.65 -27.27
N LYS B 171 -7.68 -31.78 -27.93
CA LYS B 171 -7.65 -31.82 -29.38
C LYS B 171 -9.05 -32.02 -29.94
N ILE B 172 -9.25 -31.55 -31.18
CA ILE B 172 -10.55 -31.69 -31.83
C ILE B 172 -10.87 -33.15 -32.09
N GLU B 173 -9.86 -33.93 -32.49
CA GLU B 173 -10.09 -35.34 -32.83
C GLU B 173 -10.53 -36.14 -31.61
N ASP B 174 -10.08 -35.75 -30.41
CA ASP B 174 -10.49 -36.47 -29.20
C ASP B 174 -11.96 -36.24 -28.88
N LEU B 175 -12.49 -35.06 -29.22
CA LEU B 175 -13.90 -34.77 -28.95
C LEU B 175 -14.82 -35.54 -29.88
N GLN B 176 -14.36 -35.85 -31.09
CA GLN B 176 -15.17 -36.58 -32.06
C GLN B 176 -15.29 -38.05 -31.68
N GLY B 186 -29.41 -30.72 -34.05
CA GLY B 186 -29.11 -29.86 -35.19
C GLY B 186 -27.66 -29.45 -35.26
N LYS B 187 -26.77 -30.33 -34.81
CA LYS B 187 -25.33 -30.05 -34.80
C LYS B 187 -24.69 -30.68 -36.03
N LYS B 188 -23.88 -29.90 -36.75
CA LYS B 188 -23.13 -30.45 -37.87
C LYS B 188 -22.02 -31.38 -37.37
N ASN B 189 -21.36 -31.00 -36.29
CA ASN B 189 -20.28 -31.79 -35.70
C ASN B 189 -20.52 -31.95 -34.21
N PRO B 190 -20.04 -33.06 -33.63
CA PRO B 190 -20.21 -33.24 -32.17
C PRO B 190 -19.55 -32.16 -31.34
N GLU B 191 -18.41 -31.62 -31.79
CA GLU B 191 -17.69 -30.62 -31.02
C GLU B 191 -18.33 -29.24 -31.11
N ASP B 192 -19.27 -29.02 -32.02
CA ASP B 192 -19.96 -27.74 -32.09
C ASP B 192 -20.81 -27.53 -30.85
N PHE B 193 -21.04 -26.27 -30.51
CA PHE B 193 -21.78 -25.91 -29.32
C PHE B 193 -22.83 -24.86 -29.66
N ALA B 194 -23.85 -24.78 -28.81
CA ALA B 194 -24.99 -23.91 -29.07
C ALA B 194 -24.64 -22.46 -28.81
N LEU B 195 -24.95 -21.61 -29.78
CA LEU B 195 -24.91 -20.15 -29.61
C LEU B 195 -26.26 -19.58 -29.24
N TRP B 196 -27.33 -20.09 -29.86
CA TRP B 196 -28.69 -19.67 -29.54
C TRP B 196 -29.58 -20.90 -29.63
N LYS B 197 -30.38 -21.15 -28.59
CA LYS B 197 -31.22 -22.34 -28.52
C LYS B 197 -32.68 -21.92 -28.65
N LYS B 198 -33.38 -22.48 -29.63
CA LYS B 198 -34.77 -22.14 -29.86
C LYS B 198 -35.62 -22.55 -28.66
N ALA B 199 -36.63 -21.72 -28.35
CA ALA B 199 -37.35 -21.87 -27.11
C ALA B 199 -38.27 -23.08 -27.12
N LYS B 200 -38.12 -23.95 -26.13
CA LYS B 200 -39.08 -25.01 -25.90
C LYS B 200 -40.35 -24.42 -25.28
N PRO B 201 -41.49 -25.09 -25.45
CA PRO B 201 -42.71 -24.61 -24.78
C PRO B 201 -42.53 -24.58 -23.27
N GLY B 202 -43.05 -23.52 -22.65
CA GLY B 202 -42.96 -23.34 -21.22
C GLY B 202 -41.69 -22.65 -20.74
N GLU B 203 -40.73 -22.38 -21.63
CA GLU B 203 -39.49 -21.71 -21.25
C GLU B 203 -39.57 -20.22 -21.53
N PRO B 204 -38.83 -19.41 -20.78
CA PRO B 204 -38.69 -18.00 -21.15
C PRO B 204 -38.02 -17.86 -22.51
N LYS B 205 -38.47 -16.87 -23.28
CA LYS B 205 -37.99 -16.69 -24.64
C LYS B 205 -37.77 -15.21 -24.92
N TRP B 206 -36.89 -14.94 -25.88
CA TRP B 206 -36.61 -13.59 -26.33
C TRP B 206 -36.63 -13.56 -27.85
N ASP B 207 -37.18 -12.49 -28.40
CA ASP B 207 -37.26 -12.35 -29.86
C ASP B 207 -35.87 -12.18 -30.45
N SER B 208 -35.66 -12.76 -31.63
CA SER B 208 -34.39 -12.70 -32.32
C SER B 208 -34.65 -12.92 -33.81
N PRO B 209 -33.71 -12.50 -34.67
CA PRO B 209 -33.90 -12.76 -36.11
C PRO B 209 -33.94 -14.24 -36.46
N TRP B 210 -33.44 -15.11 -35.58
CA TRP B 210 -33.43 -16.54 -35.82
C TRP B 210 -34.52 -17.27 -35.06
N GLY B 211 -35.50 -16.55 -34.52
CA GLY B 211 -36.60 -17.14 -33.79
C GLY B 211 -36.46 -16.95 -32.29
N GLU B 212 -37.56 -17.16 -31.58
CA GLU B 212 -37.56 -17.00 -30.14
C GLU B 212 -36.70 -18.07 -29.49
N GLY B 213 -35.89 -17.68 -28.52
CA GLY B 213 -35.00 -18.62 -27.87
C GLY B 213 -34.23 -17.97 -26.75
N ARG B 214 -33.18 -18.66 -26.33
CA ARG B 214 -32.32 -18.24 -25.23
C ARG B 214 -30.86 -18.33 -25.64
N PRO B 215 -30.01 -17.48 -25.07
CA PRO B 215 -28.57 -17.58 -25.34
C PRO B 215 -27.97 -18.83 -24.70
N GLY B 216 -26.83 -19.25 -25.23
CA GLY B 216 -26.08 -20.33 -24.64
C GLY B 216 -25.33 -19.89 -23.41
N TRP B 217 -24.70 -20.86 -22.74
CA TRP B 217 -24.00 -20.58 -21.50
C TRP B 217 -22.62 -19.97 -21.72
N HIS B 218 -22.11 -19.99 -22.95
CA HIS B 218 -20.76 -19.51 -23.22
C HIS B 218 -20.72 -18.10 -23.81
N ILE B 219 -21.77 -17.70 -24.53
CA ILE B 219 -21.76 -16.40 -25.20
C ILE B 219 -21.83 -15.26 -24.19
N GLU B 220 -22.48 -15.48 -23.05
CA GLU B 220 -22.74 -14.39 -22.11
C GLU B 220 -21.46 -13.80 -21.57
N CYS B 221 -20.51 -14.64 -21.17
CA CYS B 221 -19.28 -14.14 -20.58
C CYS B 221 -18.50 -13.31 -21.58
N SER B 222 -18.36 -13.80 -22.82
CA SER B 222 -17.64 -13.04 -23.84
C SER B 222 -18.33 -11.72 -24.13
N VAL B 223 -19.66 -11.72 -24.26
CA VAL B 223 -20.37 -10.49 -24.59
C VAL B 223 -20.20 -9.46 -23.49
N MET B 224 -20.43 -9.87 -22.24
CA MET B 224 -20.34 -8.92 -21.13
C MET B 224 -18.92 -8.41 -20.93
N SER B 225 -17.93 -9.30 -21.05
CA SER B 225 -16.54 -8.90 -20.90
C SER B 225 -16.15 -7.89 -21.98
N SER B 226 -16.49 -8.18 -23.24
CA SER B 226 -16.17 -7.25 -24.31
C SER B 226 -16.92 -5.93 -24.14
N LYS B 227 -18.12 -5.97 -23.54
CA LYS B 227 -18.90 -4.75 -23.39
C LYS B 227 -18.32 -3.85 -22.30
N TYR B 228 -17.95 -4.43 -21.16
CA TYR B 228 -17.61 -3.63 -19.99
C TYR B 228 -16.11 -3.48 -19.74
N LEU B 229 -15.28 -4.36 -20.29
CA LEU B 229 -13.85 -4.33 -20.04
C LEU B 229 -13.04 -3.97 -21.29
N GLY B 230 -13.70 -3.42 -22.30
CA GLY B 230 -13.01 -3.05 -23.52
C GLY B 230 -12.82 -4.23 -24.46
N GLU B 231 -12.05 -3.96 -25.52
CA GLU B 231 -11.80 -4.97 -26.53
C GLU B 231 -11.00 -6.14 -25.97
N SER B 232 -9.99 -5.85 -25.16
CA SER B 232 -9.16 -6.87 -24.54
C SER B 232 -8.78 -6.42 -23.14
N PHE B 233 -8.87 -7.34 -22.18
CA PHE B 233 -8.56 -7.04 -20.79
C PHE B 233 -7.45 -7.96 -20.29
N ASP B 234 -7.08 -7.80 -19.03
CA ASP B 234 -5.88 -8.41 -18.49
C ASP B 234 -6.13 -9.83 -17.96
N ILE B 235 -7.03 -9.97 -16.99
CA ILE B 235 -7.19 -11.21 -16.24
C ILE B 235 -8.62 -11.73 -16.45
N HIS B 236 -8.72 -13.00 -16.84
CA HIS B 236 -9.98 -13.72 -16.84
C HIS B 236 -9.86 -14.87 -15.84
N GLY B 237 -10.85 -14.96 -14.94
CA GLY B 237 -10.79 -15.91 -13.84
C GLY B 237 -11.98 -16.84 -13.81
N GLY B 238 -11.85 -17.89 -13.01
CA GLY B 238 -12.92 -18.86 -12.86
C GLY B 238 -12.40 -20.11 -12.17
N GLY B 239 -13.30 -21.09 -12.07
CA GLY B 239 -12.93 -22.36 -11.47
C GLY B 239 -12.12 -23.22 -12.41
N ASN B 240 -11.56 -24.30 -11.85
CA ASN B 240 -10.77 -25.22 -12.66
C ASN B 240 -11.65 -26.02 -13.60
N ASP B 241 -12.91 -26.24 -13.25
CA ASP B 241 -13.84 -26.92 -14.15
C ASP B 241 -14.21 -26.06 -15.34
N LEU B 242 -13.95 -24.75 -15.28
CA LEU B 242 -14.28 -23.85 -16.37
C LEU B 242 -13.21 -23.79 -17.44
N ILE B 243 -12.08 -24.48 -17.26
CA ILE B 243 -11.04 -24.51 -18.29
C ILE B 243 -11.59 -25.07 -19.58
N PHE B 244 -12.32 -26.19 -19.48
CA PHE B 244 -13.01 -26.79 -20.60
C PHE B 244 -14.41 -27.16 -20.14
N PRO B 245 -15.46 -26.90 -20.92
CA PRO B 245 -15.46 -26.21 -22.22
C PRO B 245 -15.61 -24.69 -22.13
N HIS B 246 -16.04 -24.17 -20.98
CA HIS B 246 -16.48 -22.78 -20.88
C HIS B 246 -15.44 -21.80 -21.40
N HIS B 247 -14.24 -21.81 -20.83
CA HIS B 247 -13.26 -20.78 -21.18
C HIS B 247 -12.64 -21.01 -22.54
N GLU B 248 -12.48 -22.26 -22.96
CA GLU B 248 -12.03 -22.52 -24.33
C GLU B 248 -13.06 -22.01 -25.33
N ASN B 249 -14.34 -22.22 -25.04
CA ASN B 249 -15.41 -21.68 -25.88
C ASN B 249 -15.37 -20.16 -25.92
N GLU B 250 -15.12 -19.52 -24.77
CA GLU B 250 -15.02 -18.06 -24.74
C GLU B 250 -13.84 -17.59 -25.58
N ILE B 251 -12.70 -18.27 -25.48
CA ILE B 251 -11.54 -17.94 -26.31
C ILE B 251 -11.92 -18.03 -27.78
N ALA B 252 -12.56 -19.12 -28.17
CA ALA B 252 -12.92 -19.31 -29.58
C ALA B 252 -13.85 -18.20 -30.06
N GLN B 253 -14.91 -17.92 -29.29
CA GLN B 253 -15.88 -16.89 -29.68
C GLN B 253 -15.21 -15.53 -29.81
N SER B 254 -14.43 -15.14 -28.79
CA SER B 254 -13.88 -13.80 -28.79
C SER B 254 -12.81 -13.61 -29.86
N GLU B 255 -11.93 -14.60 -30.04
CA GLU B 255 -10.91 -14.46 -31.06
C GLU B 255 -11.45 -14.67 -32.47
N ALA B 256 -12.62 -15.32 -32.63
CA ALA B 256 -13.26 -15.35 -33.92
C ALA B 256 -13.93 -14.02 -34.24
N CYS B 257 -14.57 -13.40 -33.23
CA CYS B 257 -15.28 -12.16 -33.47
C CYS B 257 -14.32 -10.99 -33.66
N PHE B 258 -13.22 -10.96 -32.91
CA PHE B 258 -12.34 -9.80 -32.88
C PHE B 258 -11.08 -9.96 -33.71
N GLY B 259 -10.57 -11.18 -33.86
CA GLY B 259 -9.40 -11.42 -34.70
C GLY B 259 -8.07 -11.10 -34.06
N HIS B 260 -8.03 -10.87 -32.75
CA HIS B 260 -6.77 -10.62 -32.05
C HIS B 260 -6.85 -11.26 -30.67
N GLU B 261 -5.81 -11.01 -29.87
CA GLU B 261 -5.78 -11.57 -28.52
C GLU B 261 -6.87 -10.95 -27.66
N TRP B 262 -7.48 -11.77 -26.81
CA TRP B 262 -8.61 -11.35 -26.00
C TRP B 262 -8.27 -11.23 -24.52
N VAL B 263 -7.63 -12.23 -23.94
CA VAL B 263 -7.25 -12.21 -22.53
C VAL B 263 -5.76 -12.50 -22.43
N LYS B 264 -5.04 -11.71 -21.63
CA LYS B 264 -3.60 -11.87 -21.51
C LYS B 264 -3.24 -12.95 -20.49
N TYR B 265 -3.89 -12.95 -19.33
CA TYR B 265 -3.59 -13.90 -18.27
C TYR B 265 -4.84 -14.64 -17.86
N TRP B 266 -4.75 -15.97 -17.78
CA TRP B 266 -5.84 -16.82 -17.34
C TRP B 266 -5.51 -17.41 -15.98
N LEU B 267 -6.36 -17.16 -15.00
CA LEU B 267 -6.18 -17.67 -13.64
C LEU B 267 -7.34 -18.59 -13.29
N HIS B 268 -7.02 -19.80 -12.81
CA HIS B 268 -8.04 -20.77 -12.44
C HIS B 268 -7.75 -21.29 -11.04
N THR B 269 -8.74 -21.20 -10.17
CA THR B 269 -8.62 -21.76 -8.82
C THR B 269 -8.81 -23.27 -8.87
N GLY B 270 -8.08 -23.96 -8.00
CA GLY B 270 -8.17 -25.40 -7.95
C GLY B 270 -9.48 -25.90 -7.36
N PHE B 271 -9.73 -27.18 -7.56
CA PHE B 271 -10.96 -27.78 -7.06
C PHE B 271 -10.91 -27.90 -5.54
N VAL B 272 -12.09 -28.07 -4.95
CA VAL B 272 -12.23 -28.37 -3.53
C VAL B 272 -12.65 -29.82 -3.40
N MET B 273 -11.88 -30.60 -2.66
CA MET B 273 -12.07 -32.04 -2.57
C MET B 273 -12.77 -32.41 -1.27
N VAL B 274 -13.65 -33.40 -1.35
CA VAL B 274 -14.31 -33.97 -0.18
C VAL B 274 -14.04 -35.47 -0.19
N LYS B 275 -13.31 -35.95 0.81
CA LYS B 275 -12.92 -37.35 0.91
C LYS B 275 -12.24 -37.83 -0.36
N GLY B 276 -11.37 -36.98 -0.93
CA GLY B 276 -10.60 -37.34 -2.09
C GLY B 276 -11.32 -37.24 -3.42
N GLU B 277 -12.58 -36.80 -3.43
CA GLU B 277 -13.33 -36.65 -4.67
C GLU B 277 -13.79 -35.19 -4.81
N LYS B 278 -14.02 -34.80 -6.06
CA LYS B 278 -14.39 -33.42 -6.37
C LYS B 278 -15.74 -33.07 -5.75
N MET B 279 -15.82 -31.89 -5.13
CA MET B 279 -17.07 -31.44 -4.53
C MET B 279 -17.94 -30.75 -5.58
N SER B 280 -19.15 -31.28 -5.78
CA SER B 280 -20.13 -30.65 -6.65
C SER B 280 -21.51 -31.15 -6.24
N LYS B 281 -22.53 -30.38 -6.60
CA LYS B 281 -23.90 -30.74 -6.24
C LYS B 281 -24.41 -31.96 -7.01
N SER B 282 -23.71 -32.39 -8.07
CA SER B 282 -24.10 -33.61 -8.77
C SER B 282 -23.98 -34.83 -7.85
N LEU B 283 -22.90 -34.91 -7.07
CA LEU B 283 -22.70 -36.04 -6.17
C LEU B 283 -23.35 -35.84 -4.81
N GLY B 284 -23.87 -34.65 -4.52
CA GLY B 284 -24.54 -34.42 -3.24
C GLY B 284 -23.61 -34.31 -2.05
N ASN B 285 -22.30 -34.22 -2.26
CA ASN B 285 -21.33 -34.12 -1.19
C ASN B 285 -20.93 -32.67 -0.90
N PHE B 286 -21.82 -31.72 -1.15
CA PHE B 286 -21.52 -30.30 -1.03
C PHE B 286 -22.03 -29.75 0.29
N VAL B 287 -21.23 -28.88 0.91
CA VAL B 287 -21.61 -28.15 2.11
C VAL B 287 -21.79 -26.68 1.74
N THR B 288 -22.91 -26.10 2.15
CA THR B 288 -23.21 -24.73 1.79
C THR B 288 -22.39 -23.76 2.64
N ILE B 289 -22.25 -22.53 2.13
CA ILE B 289 -21.53 -21.52 2.88
C ILE B 289 -22.27 -21.15 4.16
N ARG B 290 -23.60 -21.13 4.11
CA ARG B 290 -24.37 -20.74 5.28
C ARG B 290 -24.25 -21.75 6.42
N GLU B 291 -24.11 -23.04 6.10
CA GLU B 291 -23.88 -24.02 7.15
C GLU B 291 -22.55 -23.77 7.85
N LEU B 292 -21.50 -23.50 7.08
CA LEU B 292 -20.19 -23.20 7.68
C LEU B 292 -20.26 -21.92 8.49
N LEU B 293 -21.01 -20.92 8.02
CA LEU B 293 -21.22 -19.71 8.79
C LEU B 293 -21.95 -19.99 10.10
N LYS B 294 -22.90 -20.92 10.07
CA LYS B 294 -23.56 -21.37 11.29
C LYS B 294 -22.60 -22.13 12.20
N ARG B 295 -21.53 -22.68 11.66
CA ARG B 295 -20.54 -23.40 12.46
C ARG B 295 -19.26 -22.63 12.69
N TYR B 296 -18.89 -21.70 11.81
CA TYR B 296 -17.61 -21.01 11.91
C TYR B 296 -17.78 -19.54 11.56
N GLU B 297 -16.78 -18.75 11.93
CA GLU B 297 -16.73 -17.34 11.60
C GLU B 297 -16.24 -17.13 10.17
N PRO B 298 -16.62 -16.02 9.54
CA PRO B 298 -16.16 -15.79 8.15
C PRO B 298 -14.64 -15.75 8.01
N GLU B 299 -13.94 -15.17 8.98
CA GLU B 299 -12.49 -15.08 8.88
C GLU B 299 -11.84 -16.45 9.02
N VAL B 300 -12.46 -17.36 9.78
CA VAL B 300 -11.95 -18.72 9.86
C VAL B 300 -12.05 -19.40 8.49
N ILE B 301 -13.16 -19.21 7.79
CA ILE B 301 -13.30 -19.78 6.46
C ILE B 301 -12.31 -19.16 5.49
N ARG B 302 -12.11 -17.84 5.57
CA ARG B 302 -11.13 -17.19 4.72
C ARG B 302 -9.73 -17.73 4.99
N PHE B 303 -9.38 -17.90 6.26
CA PHE B 303 -8.06 -18.44 6.60
C PHE B 303 -7.90 -19.86 6.08
N PHE B 304 -8.94 -20.68 6.22
CA PHE B 304 -8.88 -22.05 5.72
C PHE B 304 -8.70 -22.07 4.20
N VAL B 305 -9.37 -21.17 3.50
CA VAL B 305 -9.20 -21.09 2.05
C VAL B 305 -7.77 -20.65 1.71
N LEU B 306 -7.24 -19.69 2.45
CA LEU B 306 -5.91 -19.15 2.19
C LEU B 306 -4.78 -20.02 2.72
N GLN B 307 -5.09 -21.10 3.43
CA GLN B 307 -4.04 -21.99 3.90
C GLN B 307 -3.31 -22.65 2.74
N LYS B 308 -3.98 -22.80 1.60
CA LYS B 308 -3.40 -23.46 0.44
C LYS B 308 -3.34 -22.51 -0.73
N HIS B 309 -2.43 -22.81 -1.66
CA HIS B 309 -2.33 -22.05 -2.90
C HIS B 309 -3.62 -22.18 -3.69
N TYR B 310 -4.00 -21.08 -4.37
CA TYR B 310 -5.30 -21.06 -5.03
C TYR B 310 -5.36 -22.06 -6.18
N ARG B 311 -4.23 -22.38 -6.79
CA ARG B 311 -4.21 -23.38 -7.86
C ARG B 311 -4.17 -24.81 -7.33
N SER B 312 -3.87 -25.00 -6.05
CA SER B 312 -3.80 -26.34 -5.48
C SER B 312 -5.19 -26.79 -5.02
N PRO B 313 -5.44 -28.10 -5.05
CA PRO B 313 -6.71 -28.61 -4.54
C PRO B 313 -6.85 -28.38 -3.04
N LEU B 314 -8.09 -28.18 -2.61
CA LEU B 314 -8.41 -27.93 -1.21
C LEU B 314 -9.20 -29.11 -0.67
N GLU B 315 -8.71 -29.73 0.39
CA GLU B 315 -9.39 -30.85 1.03
C GLU B 315 -10.28 -30.32 2.15
N TYR B 316 -11.59 -30.52 2.00
CA TYR B 316 -12.55 -30.07 3.01
C TYR B 316 -12.66 -31.12 4.10
N THR B 317 -12.09 -30.83 5.26
CA THR B 317 -12.25 -31.66 6.46
C THR B 317 -12.64 -30.76 7.62
N GLU B 318 -13.40 -31.32 8.56
CA GLU B 318 -13.74 -30.57 9.76
C GLU B 318 -12.49 -30.29 10.59
N GLU B 319 -11.56 -31.24 10.62
CA GLU B 319 -10.31 -31.02 11.33
C GLU B 319 -9.49 -29.91 10.70
N GLY B 320 -9.53 -29.78 9.37
CA GLY B 320 -8.84 -28.68 8.73
C GLY B 320 -9.41 -27.33 9.13
N LEU B 321 -10.74 -27.23 9.20
CA LEU B 321 -11.37 -25.99 9.65
C LEU B 321 -11.04 -25.72 11.12
N GLN B 322 -10.98 -26.77 11.94
CA GLN B 322 -10.60 -26.58 13.34
C GLN B 322 -9.17 -26.07 13.46
N HIS B 323 -8.26 -26.62 12.64
CA HIS B 323 -6.87 -26.16 12.67
C HIS B 323 -6.76 -24.72 12.20
N ALA B 324 -7.51 -24.35 11.15
CA ALA B 324 -7.51 -22.97 10.70
C ALA B 324 -8.05 -22.04 11.79
N LYS B 325 -9.11 -22.47 12.48
CA LYS B 325 -9.65 -21.68 13.57
C LYS B 325 -8.63 -21.50 14.69
N ASN B 326 -7.90 -22.58 15.04
CA ASN B 326 -6.90 -22.48 16.10
C ASN B 326 -5.76 -21.55 15.70
N ASN B 327 -5.30 -21.63 14.44
CA ASN B 327 -4.23 -20.74 14.00
C ASN B 327 -4.69 -19.29 13.99
N LEU B 328 -5.92 -19.03 13.52
CA LEU B 328 -6.43 -17.67 13.53
C LEU B 328 -6.61 -17.16 14.94
N GLN B 329 -7.00 -18.03 15.88
CA GLN B 329 -7.09 -17.64 17.27
C GLN B 329 -5.71 -17.32 17.86
N ARG B 330 -4.69 -18.05 17.45
CA ARG B 330 -3.33 -17.71 17.86
C ARG B 330 -2.93 -16.34 17.36
N LEU B 331 -3.25 -16.04 16.10
CA LEU B 331 -2.95 -14.71 15.56
C LEU B 331 -3.74 -13.63 16.30
N TYR B 332 -5.00 -13.92 16.64
CA TYR B 332 -5.80 -12.96 17.41
C TYR B 332 -5.19 -12.72 18.78
N ASN B 333 -4.70 -13.79 19.43
CA ASN B 333 -4.05 -13.63 20.72
C ASN B 333 -2.80 -12.78 20.60
N THR B 334 -2.03 -12.99 19.52
CA THR B 334 -0.84 -12.17 19.30
C THR B 334 -1.20 -10.70 19.14
N LEU B 335 -2.24 -10.42 18.34
CA LEU B 335 -2.65 -9.03 18.15
C LEU B 335 -3.17 -8.42 19.45
N GLU B 336 -3.90 -9.20 20.24
CA GLU B 336 -4.39 -8.69 21.52
C GLU B 336 -3.24 -8.40 22.47
N ASN B 337 -2.22 -9.25 22.48
CA ASN B 337 -1.04 -9.00 23.32
C ASN B 337 -0.33 -7.74 22.88
N ILE B 338 -0.21 -7.52 21.57
CA ILE B 338 0.40 -6.30 21.07
C ILE B 338 -0.42 -5.08 21.51
N ARG B 339 -1.74 -5.16 21.41
CA ARG B 339 -2.59 -4.05 21.82
C ARG B 339 -2.45 -3.76 23.31
N VAL B 340 -2.41 -4.80 24.14
CA VAL B 340 -2.26 -4.60 25.58
C VAL B 340 -0.90 -4.00 25.90
N ALA B 341 0.15 -4.48 25.23
CA ALA B 341 1.49 -3.97 25.50
C ALA B 341 1.66 -2.53 25.03
N LEU B 342 0.91 -2.13 24.00
CA LEU B 342 1.03 -0.75 23.50
C LEU B 342 0.54 0.29 24.49
N ARG B 343 -0.28 -0.10 25.47
CA ARG B 343 -0.75 0.87 26.46
C ARG B 343 0.37 1.34 27.37
N ASN B 344 1.29 0.44 27.72
CA ASN B 344 2.42 0.78 28.58
C ASN B 344 3.74 0.84 27.83
N ALA B 345 3.71 0.76 26.51
CA ALA B 345 4.93 0.84 25.72
C ALA B 345 5.49 2.26 25.74
N GLU B 346 6.81 2.37 25.84
CA GLU B 346 7.50 3.65 25.89
C GLU B 346 8.30 3.86 24.63
N ILE B 347 8.72 5.12 24.42
CA ILE B 347 9.53 5.43 23.26
C ILE B 347 10.94 4.87 23.43
N SER B 348 11.65 4.78 22.31
CA SER B 348 12.97 4.18 22.29
C SER B 348 14.03 5.28 22.21
N TYR B 349 14.82 5.42 23.27
CA TYR B 349 16.02 6.23 23.22
C TYR B 349 17.23 5.43 22.78
N THR B 350 17.16 4.11 22.85
CA THR B 350 18.22 3.23 22.39
C THR B 350 17.59 1.87 22.12
N TRP B 351 18.30 1.06 21.34
CA TRP B 351 17.85 -0.29 21.00
C TRP B 351 18.91 -1.30 21.41
N GLY B 352 18.50 -2.31 22.17
CA GLY B 352 19.38 -3.41 22.52
C GLY B 352 19.40 -4.46 21.43
N GLU B 353 20.05 -5.58 21.74
CA GLU B 353 20.11 -6.66 20.77
C GLU B 353 18.75 -7.31 20.57
N LEU B 354 17.92 -7.36 21.60
CA LEU B 354 16.58 -7.93 21.46
C LEU B 354 15.72 -7.09 20.51
N GLU B 355 15.77 -5.76 20.65
CA GLU B 355 15.00 -4.91 19.77
C GLU B 355 15.46 -5.03 18.32
N PHE B 356 16.79 -5.07 18.11
CA PHE B 356 17.30 -5.20 16.75
C PHE B 356 16.95 -6.57 16.16
N LYS B 357 17.02 -7.63 16.97
CA LYS B 357 16.64 -8.95 16.47
C LYS B 357 15.17 -8.99 16.08
N THR B 358 14.30 -8.42 16.92
CA THR B 358 12.88 -8.40 16.59
C THR B 358 12.61 -7.56 15.34
N TYR B 359 13.28 -6.42 15.22
CA TYR B 359 13.10 -5.59 14.03
C TYR B 359 13.57 -6.32 12.78
N GLU B 360 14.70 -7.02 12.87
CA GLU B 360 15.19 -7.76 11.71
C GLU B 360 14.21 -8.85 11.31
N ILE B 361 13.64 -9.56 12.29
CA ILE B 361 12.69 -10.61 11.95
C ILE B 361 11.42 -10.01 11.33
N ILE B 362 10.96 -8.87 11.84
CA ILE B 362 9.78 -8.23 11.28
C ILE B 362 10.03 -7.77 9.85
N ARG B 363 11.19 -7.15 9.61
CA ARG B 363 11.53 -6.69 8.27
C ARG B 363 11.63 -7.86 7.30
N GLU B 364 12.30 -8.94 7.72
CA GLU B 364 12.43 -10.11 6.85
C GLU B 364 11.08 -10.76 6.63
N GLY B 365 10.19 -10.72 7.63
CA GLY B 365 8.86 -11.26 7.45
C GLY B 365 8.05 -10.48 6.43
N LYS B 366 8.13 -9.15 6.47
CA LYS B 366 7.45 -8.35 5.45
C LYS B 366 8.03 -8.62 4.07
N ARG B 367 9.36 -8.72 3.98
CA ARG B 367 10.00 -8.98 2.69
C ARG B 367 9.56 -10.33 2.14
N LYS B 368 9.53 -11.36 3.00
CA LYS B 368 9.12 -12.68 2.55
C LYS B 368 7.64 -12.73 2.23
N PHE B 369 6.82 -11.94 2.92
CA PHE B 369 5.41 -11.84 2.59
C PHE B 369 5.22 -11.27 1.19
N TYR B 370 5.93 -10.19 0.88
CA TYR B 370 5.83 -9.61 -0.46
C TYR B 370 6.40 -10.54 -1.51
N GLU B 371 7.50 -11.24 -1.19
CA GLU B 371 8.08 -12.18 -2.14
C GLU B 371 7.14 -13.35 -2.42
N ALA B 372 6.44 -13.84 -1.39
CA ALA B 372 5.51 -14.94 -1.58
C ALA B 372 4.28 -14.49 -2.36
N MET B 373 3.74 -13.32 -2.04
CA MET B 373 2.57 -12.84 -2.76
C MET B 373 2.92 -12.44 -4.19
N ASP B 374 4.17 -12.11 -4.47
CA ASP B 374 4.61 -11.86 -5.84
C ASP B 374 4.82 -13.14 -6.63
N ASP B 375 4.91 -14.29 -5.95
CA ASP B 375 5.15 -15.57 -6.61
C ASP B 375 3.81 -16.27 -6.80
N ASP B 376 3.05 -15.79 -7.79
CA ASP B 376 1.77 -16.36 -8.16
C ASP B 376 0.79 -16.39 -6.98
N PHE B 377 0.81 -15.31 -6.19
CA PHE B 377 -0.11 -15.14 -5.07
C PHE B 377 -0.04 -16.33 -4.10
N ASN B 378 1.17 -16.76 -3.77
CA ASN B 378 1.36 -17.89 -2.88
C ASN B 378 1.02 -17.49 -1.44
N THR B 379 -0.23 -17.73 -1.03
CA THR B 379 -0.67 -17.34 0.30
C THR B 379 -0.10 -18.24 1.39
N ALA B 380 0.33 -19.46 1.06
CA ALA B 380 0.86 -20.36 2.08
C ALA B 380 2.18 -19.85 2.65
N GLU B 381 3.10 -19.46 1.76
CA GLU B 381 4.38 -18.93 2.22
C GLU B 381 4.17 -17.58 2.92
N ALA B 382 3.22 -16.79 2.44
CA ALA B 382 2.91 -15.53 3.11
C ALA B 382 2.40 -15.77 4.53
N LEU B 383 1.53 -16.77 4.70
CA LEU B 383 1.06 -17.10 6.04
C LEU B 383 2.18 -17.65 6.92
N LYS B 384 3.12 -18.40 6.33
CA LYS B 384 4.26 -18.85 7.10
C LYS B 384 5.10 -17.68 7.59
N ALA B 385 5.30 -16.68 6.73
CA ALA B 385 6.01 -15.47 7.15
C ALA B 385 5.24 -14.73 8.24
N VAL B 386 3.91 -14.68 8.11
CA VAL B 386 3.08 -14.02 9.12
C VAL B 386 3.24 -14.72 10.47
N PHE B 387 3.21 -16.05 10.48
CA PHE B 387 3.37 -16.78 11.73
C PHE B 387 4.77 -16.63 12.29
N GLU B 388 5.78 -16.52 11.42
CA GLU B 388 7.14 -16.26 11.90
C GLU B 388 7.20 -14.91 12.61
N VAL B 389 6.60 -13.88 12.01
CA VAL B 389 6.59 -12.56 12.64
C VAL B 389 5.82 -12.60 13.96
N ALA B 390 4.70 -13.32 13.99
CA ALA B 390 3.90 -13.40 15.20
C ALA B 390 4.67 -14.11 16.32
N ASN B 391 5.37 -15.19 15.98
CA ASN B 391 6.19 -15.88 16.98
C ASN B 391 7.31 -14.98 17.48
N ALA B 392 7.93 -14.23 16.57
CA ALA B 392 9.00 -13.33 16.99
C ALA B 392 8.49 -12.25 17.93
N ILE B 393 7.32 -11.68 17.63
CA ILE B 393 6.81 -10.61 18.47
C ILE B 393 6.31 -11.16 19.80
N ASN B 394 5.78 -12.39 19.83
CA ASN B 394 5.43 -13.00 21.11
C ASN B 394 6.68 -13.25 21.95
N LYS B 395 7.75 -13.73 21.32
CA LYS B 395 9.01 -13.92 22.03
C LYS B 395 9.53 -12.59 22.58
N TYR B 396 9.44 -11.53 21.77
CA TYR B 396 9.89 -10.22 22.21
C TYR B 396 9.08 -9.74 23.40
N LEU B 397 7.75 -9.83 23.34
CA LEU B 397 6.93 -9.41 24.46
C LEU B 397 7.15 -10.27 25.69
N THR B 398 7.55 -11.53 25.52
CA THR B 398 7.91 -12.36 26.66
C THR B 398 9.20 -11.87 27.30
N GLU B 399 10.22 -11.60 26.49
CA GLU B 399 11.54 -11.30 27.02
C GLU B 399 11.81 -9.81 27.25
N ALA B 400 10.94 -8.93 26.77
CA ALA B 400 11.12 -7.49 26.97
C ALA B 400 10.59 -7.10 28.34
N ASN B 401 11.47 -6.55 29.19
CA ASN B 401 11.01 -6.02 30.47
C ASN B 401 10.11 -4.80 30.27
N LYS B 402 10.44 -3.95 29.31
CA LYS B 402 9.60 -2.80 28.96
C LYS B 402 9.58 -2.70 27.44
N PRO B 403 8.49 -3.14 26.80
CA PRO B 403 8.46 -3.16 25.34
C PRO B 403 8.56 -1.76 24.75
N LYS B 404 9.24 -1.67 23.61
CA LYS B 404 9.40 -0.41 22.90
C LYS B 404 8.19 -0.17 22.00
N GLU B 405 7.80 1.09 21.89
CA GLU B 405 6.63 1.43 21.07
C GLU B 405 6.90 1.26 19.59
N SER B 406 8.15 1.51 19.16
CA SER B 406 8.47 1.44 17.73
C SER B 406 8.36 0.01 17.21
N ILE B 407 8.86 -0.97 17.98
CA ILE B 407 8.80 -2.36 17.54
C ILE B 407 7.35 -2.82 17.41
N LEU B 408 6.52 -2.50 18.41
CA LEU B 408 5.12 -2.87 18.35
C LEU B 408 4.41 -2.15 17.21
N ARG B 409 4.79 -0.90 16.94
CA ARG B 409 4.18 -0.17 15.83
C ARG B 409 4.54 -0.81 14.50
N LYS B 410 5.79 -1.25 14.33
CA LYS B 410 6.17 -1.92 13.10
C LYS B 410 5.44 -3.26 12.94
N ALA B 411 5.31 -4.00 14.05
CA ALA B 411 4.55 -5.25 13.99
C ALA B 411 3.10 -5.00 13.60
N LEU B 412 2.49 -3.96 14.17
CA LEU B 412 1.12 -3.64 13.81
C LEU B 412 1.00 -3.17 12.37
N GLU B 413 1.99 -2.46 11.85
CA GLU B 413 1.96 -2.08 10.44
C GLU B 413 2.04 -3.29 9.54
N PHE B 414 2.90 -4.25 9.88
CA PHE B 414 2.97 -5.48 9.09
C PHE B 414 1.65 -6.24 9.14
N PHE B 415 1.06 -6.35 10.33
CA PHE B 415 -0.21 -7.07 10.43
C PHE B 415 -1.35 -6.30 9.78
N LYS B 416 -1.24 -4.97 9.69
CA LYS B 416 -2.22 -4.19 8.95
C LYS B 416 -2.11 -4.45 7.45
N ILE B 417 -0.89 -4.57 6.95
CA ILE B 417 -0.70 -4.96 5.55
C ILE B 417 -1.29 -6.33 5.29
N VAL B 418 -1.05 -7.27 6.21
CA VAL B 418 -1.61 -8.61 6.06
C VAL B 418 -3.13 -8.57 6.10
N SER B 419 -3.70 -7.73 6.98
CA SER B 419 -5.15 -7.59 7.06
C SER B 419 -5.73 -7.02 5.76
N GLU B 420 -5.06 -6.02 5.19
CA GLU B 420 -5.54 -5.42 3.95
C GLU B 420 -5.47 -6.41 2.79
N VAL B 421 -4.41 -7.23 2.74
CA VAL B 421 -4.26 -8.14 1.61
C VAL B 421 -5.16 -9.35 1.76
N PHE B 422 -5.15 -10.00 2.92
CA PHE B 422 -5.87 -11.25 3.12
C PHE B 422 -7.31 -11.06 3.57
N GLY B 423 -7.69 -9.86 4.01
CA GLY B 423 -9.04 -9.66 4.48
C GLY B 423 -9.35 -10.25 5.83
N VAL B 424 -8.33 -10.46 6.67
CA VAL B 424 -8.51 -10.97 8.02
C VAL B 424 -8.17 -9.86 8.99
N PHE B 425 -8.33 -10.12 10.29
CA PHE B 425 -8.04 -9.16 11.35
C PHE B 425 -8.87 -7.88 11.21
N GLU B 426 -10.03 -7.96 10.55
CA GLU B 426 -10.82 -6.77 10.27
C GLU B 426 -11.26 -6.08 11.54
N ASP B 427 -11.74 -6.86 12.52
CA ASP B 427 -12.23 -6.29 13.77
C ASP B 427 -11.13 -5.57 14.53
N TYR B 428 -9.94 -6.15 14.58
CA TYR B 428 -8.86 -5.56 15.38
C TYR B 428 -8.47 -4.19 14.86
N PHE B 429 -8.35 -4.04 13.54
CA PHE B 429 -7.89 -2.80 12.95
C PHE B 429 -9.02 -1.81 12.66
N ARG B 430 -10.27 -2.27 12.64
CA ARG B 430 -11.38 -1.35 12.46
C ARG B 430 -11.60 -0.49 13.70
N GLU B 431 -11.51 -1.10 14.88
CA GLU B 431 -11.66 -0.39 16.15
C GLU B 431 -10.54 0.63 16.33
ZN ZN C . 23.12 16.51 12.47
ZN ZN D . -17.73 -18.01 -18.32
#